data_5NR2
#
_entry.id   5NR2
#
_cell.length_a   86.640
_cell.length_b   158.080
_cell.length_c   78.990
_cell.angle_alpha   90.00
_cell.angle_beta   90.00
_cell.angle_gamma   90.00
#
_symmetry.space_group_name_H-M   'P 21 21 2'
#
loop_
_entity.id
_entity.type
_entity.pdbx_description
1 polymer 'Ferric enterobactin receptor'
2 non-polymer 'FE (III) ION'
3 non-polymer Azotochelin
4 non-polymer 1,2-ETHANEDIOL
#
_entity_poly.entity_id   1
_entity_poly.type   'polypeptide(L)'
_entity_poly.pdbx_seq_one_letter_code
;GAMAGQGDGSVIELGEQTVVATAQEETKQAPGVSIITAEDIAKRPPSNDLSQIIRTMPGVNLTGNSSSGQRGNNRQIDIR
GMGPENTLILVDGKPVSSRNSVRYGWRGERDSRGDTNWVPADQVERIEVIRGPAAARYGNGAAGGVVNIITKQAGAETHG
NLSVYSNFPQHKAEGASERMSFGLNGPLTENLSYRVYGNIAKTDSDDWDINAGHESNRTGKQAGTLPAGREGVRNKDIDG
LLSWRLTPEQTLEFEAGFSRQGNIYTGDTQNTNSNNYVKQMLGHETNRMYRETYSVTHRGEWDFGSSLAYLQYEKTRNSR
INEGLAGGTEGIFDPNNAGFYTATLRDLTAHGEVNLPLHLGYEQTLTLGSEWTEQKLDDPSSNTQNTEEGGSIPGLAGKN
RSSSSSARIFSLFAEDNIELMPGTMLTPGLRWDHHDIVGDNWSPSLNLSHALTERVTLKAGIARAYKAPNLYQLNPDYLL
YSRGQGCYGQSTSCYLRGNDGLKAETSVNKELGIEYSHDGLVAGLTYFRNDYKNKIESGLSPVDHASGGKGDYANAAIYQ
WENVPKAVVEGLEGTLTLPLADGLKWSNNLTYMLQSKNKETGDVLSVTPRYTLNSMLDWQATDDLSLQATVTWYGKQKPK
KYDYHGDRVTGSANDQLSPYAIAGLGGTYRLSKNLSLGAGVDNLFDKRLFRAGNAQGVVGIDGAGAATYNEPGRTFYTSL
TASF
;
_entity_poly.pdbx_strand_id   A
#
loop_
_chem_comp.id
_chem_comp.type
_chem_comp.name
_chem_comp.formula
95B non-polymer Azotochelin 'C20 H22 N2 O8'
EDO non-polymer 1,2-ETHANEDIOL 'C2 H6 O2'
FE non-polymer 'FE (III) ION' 'Fe 3'
#
# COMPACT_ATOMS: atom_id res chain seq x y z
N LYS A 28 -18.03 11.51 -6.83
CA LYS A 28 -17.19 10.31 -6.54
C LYS A 28 -15.87 10.32 -7.33
N GLN A 29 -15.88 10.88 -8.53
CA GLN A 29 -14.67 10.97 -9.36
C GLN A 29 -14.47 12.37 -9.95
N ALA A 30 -13.26 12.90 -9.80
CA ALA A 30 -12.82 14.11 -10.46
C ALA A 30 -11.37 13.88 -10.93
N PRO A 31 -10.79 14.82 -11.70
CA PRO A 31 -9.40 14.57 -12.09
C PRO A 31 -8.46 14.59 -10.87
N GLY A 32 -7.81 13.45 -10.68
CA GLY A 32 -6.83 13.25 -9.64
C GLY A 32 -7.35 12.61 -8.36
N VAL A 33 -8.66 12.52 -8.20
CA VAL A 33 -9.24 12.27 -6.88
C VAL A 33 -10.45 11.38 -6.95
N SER A 34 -10.56 10.45 -6.01
CA SER A 34 -11.71 9.55 -5.95
C SER A 34 -12.18 9.39 -4.51
N ILE A 35 -13.49 9.41 -4.31
CA ILE A 35 -14.08 8.98 -3.06
C ILE A 35 -14.74 7.64 -3.24
N ILE A 36 -14.45 6.72 -2.33
CA ILE A 36 -15.27 5.52 -2.11
C ILE A 36 -16.16 5.73 -0.88
N THR A 37 -17.45 5.52 -1.02
CA THR A 37 -18.39 5.78 0.09
C THR A 37 -18.74 4.50 0.83
N ALA A 38 -19.45 4.63 1.95
CA ALA A 38 -19.83 3.44 2.71
C ALA A 38 -20.82 2.63 1.91
N GLU A 39 -21.73 3.32 1.22
CA GLU A 39 -22.62 2.66 0.25
C GLU A 39 -21.85 1.81 -0.81
N ASP A 40 -20.72 2.29 -1.32
CA ASP A 40 -19.93 1.56 -2.32
C ASP A 40 -19.34 0.28 -1.68
N ILE A 41 -18.86 0.43 -0.46
CA ILE A 41 -18.28 -0.70 0.28
C ILE A 41 -19.32 -1.80 0.47
N ALA A 42 -20.59 -1.44 0.54
CA ALA A 42 -21.64 -2.42 0.77
C ALA A 42 -22.06 -3.16 -0.47
N LYS A 43 -21.83 -2.55 -1.62
CA LYS A 43 -22.30 -3.08 -2.89
C LYS A 43 -21.23 -3.92 -3.56
N ARG A 44 -19.98 -3.67 -3.18
CA ARG A 44 -18.85 -4.51 -3.55
C ARG A 44 -18.04 -4.87 -2.31
N PRO A 45 -18.59 -5.73 -1.45
CA PRO A 45 -17.90 -6.04 -0.20
C PRO A 45 -16.56 -6.73 -0.41
N PRO A 46 -15.53 -6.24 0.25
CA PRO A 46 -14.24 -6.91 0.20
C PRO A 46 -14.20 -8.18 1.06
N SER A 47 -13.48 -9.19 0.61
CA SER A 47 -13.27 -10.37 1.43
C SER A 47 -12.79 -9.97 2.81
N ASN A 48 -11.74 -9.18 2.88
CA ASN A 48 -11.15 -8.81 4.16
C ASN A 48 -10.43 -7.47 4.13
N ASP A 49 -9.27 -7.42 3.48
CA ASP A 49 -8.56 -6.17 3.23
C ASP A 49 -9.26 -5.18 2.29
N LEU A 50 -9.15 -3.88 2.60
CA LEU A 50 -9.74 -2.85 1.72
C LEU A 50 -9.12 -2.67 0.35
N SER A 51 -7.90 -3.14 0.18
CA SER A 51 -7.23 -2.98 -1.08
C SER A 51 -8.15 -3.45 -2.20
N GLN A 52 -8.96 -4.46 -1.91
CA GLN A 52 -9.81 -5.02 -2.92
C GLN A 52 -10.72 -4.00 -3.57
N ILE A 53 -11.21 -3.03 -2.82
CA ILE A 53 -12.08 -1.99 -3.40
C ILE A 53 -11.29 -0.73 -3.73
N ILE A 54 -10.27 -0.43 -2.94
CA ILE A 54 -9.45 0.74 -3.17
C ILE A 54 -8.81 0.69 -4.55
N ARG A 55 -8.43 -0.50 -4.99
CA ARG A 55 -7.66 -0.70 -6.25
C ARG A 55 -8.47 -0.52 -7.54
N THR A 56 -9.77 -0.33 -7.39
CA THR A 56 -10.66 -0.17 -8.53
C THR A 56 -10.82 1.31 -8.88
N MET A 57 -10.15 2.19 -8.17
CA MET A 57 -10.20 3.58 -8.58
C MET A 57 -9.29 3.74 -9.79
N PRO A 58 -9.59 4.75 -10.58
CA PRO A 58 -8.69 5.14 -11.64
C PRO A 58 -7.33 5.48 -11.11
N GLY A 59 -6.27 5.01 -11.78
CA GLY A 59 -4.92 5.36 -11.42
C GLY A 59 -4.34 4.46 -10.34
N VAL A 60 -5.11 3.48 -9.91
CA VAL A 60 -4.63 2.64 -8.83
C VAL A 60 -4.45 1.21 -9.27
N ASN A 61 -3.31 0.61 -8.95
CA ASN A 61 -3.09 -0.81 -9.18
C ASN A 61 -2.76 -1.51 -7.89
N LEU A 62 -2.67 -2.82 -7.95
CA LEU A 62 -2.44 -3.64 -6.75
C LEU A 62 -1.26 -4.48 -7.15
N THR A 63 -0.13 -4.21 -6.56
CA THR A 63 1.14 -4.59 -7.19
C THR A 63 2.22 -4.70 -6.12
N GLY A 64 3.37 -5.28 -6.46
CA GLY A 64 4.55 -5.27 -5.59
C GLY A 64 5.31 -3.99 -5.74
N ASN A 65 6.44 -3.86 -5.05
CA ASN A 65 7.12 -2.55 -5.04
C ASN A 65 8.19 -2.42 -6.08
N SER A 66 8.85 -3.52 -6.44
CA SER A 66 9.72 -3.57 -7.60
C SER A 66 9.26 -4.74 -8.43
N SER A 67 10.18 -5.36 -9.17
CA SER A 67 9.85 -6.23 -10.28
C SER A 67 10.30 -7.67 -10.08
N SER A 68 10.87 -7.99 -8.92
CA SER A 68 11.37 -9.34 -8.66
C SER A 68 10.28 -10.39 -8.61
N GLY A 69 9.07 -10.04 -8.20
CA GLY A 69 8.03 -11.05 -8.03
C GLY A 69 8.06 -11.66 -6.64
N GLN A 70 9.10 -11.34 -5.86
CA GLN A 70 9.21 -11.82 -4.49
C GLN A 70 8.06 -11.35 -3.65
N ARG A 71 7.58 -12.23 -2.80
CA ARG A 71 6.43 -11.96 -1.97
C ARG A 71 5.28 -11.48 -2.79
N GLY A 72 5.14 -12.08 -3.96
CA GLY A 72 4.20 -11.65 -5.00
C GLY A 72 2.71 -11.82 -4.78
N ASN A 73 2.32 -12.62 -3.80
CA ASN A 73 0.93 -12.68 -3.38
C ASN A 73 0.67 -11.67 -2.29
N ASN A 74 1.64 -10.83 -1.98
CA ASN A 74 1.47 -9.84 -0.93
C ASN A 74 1.47 -8.43 -1.59
N ARG A 75 0.48 -8.18 -2.42
CA ARG A 75 0.43 -6.96 -3.18
C ARG A 75 -0.31 -5.88 -2.43
N GLN A 76 0.03 -4.64 -2.73
CA GLN A 76 -0.40 -3.49 -1.98
C GLN A 76 -0.78 -2.41 -2.96
N ILE A 77 -1.41 -1.35 -2.48
CA ILE A 77 -1.97 -0.31 -3.35
C ILE A 77 -0.90 0.57 -3.93
N ASP A 78 -0.93 0.70 -5.27
CA ASP A 78 0.06 1.41 -6.07
C ASP A 78 -0.67 2.52 -6.81
N ILE A 79 -0.22 3.76 -6.65
CA ILE A 79 -0.84 4.86 -7.35
C ILE A 79 0.02 5.32 -8.53
N ARG A 80 -0.55 5.26 -9.72
CA ARG A 80 0.12 5.67 -10.93
C ARG A 80 1.50 5.03 -11.09
N GLY A 81 1.62 3.78 -10.70
CA GLY A 81 2.80 2.98 -11.00
C GLY A 81 4.04 3.37 -10.23
N MET A 82 3.85 4.18 -9.19
CA MET A 82 4.96 4.74 -8.42
C MET A 82 5.33 3.83 -7.28
N GLY A 83 4.68 2.67 -7.18
CA GLY A 83 4.98 1.71 -6.14
C GLY A 83 4.22 2.06 -4.87
N PRO A 84 3.99 1.06 -4.00
CA PRO A 84 3.19 1.14 -2.79
C PRO A 84 3.91 1.74 -1.58
N GLU A 85 5.22 1.80 -1.64
CA GLU A 85 6.01 2.59 -0.70
C GLU A 85 5.80 4.09 -0.89
N ASN A 86 5.18 4.46 -1.98
CA ASN A 86 4.92 5.88 -2.25
C ASN A 86 3.45 6.18 -2.18
N THR A 87 2.70 5.27 -1.60
CA THR A 87 1.32 5.45 -1.27
C THR A 87 1.19 5.54 0.25
N LEU A 88 0.88 6.76 0.71
CA LEU A 88 0.71 7.08 2.12
C LEU A 88 -0.68 6.81 2.63
N ILE A 89 -0.79 5.90 3.60
CA ILE A 89 -2.07 5.48 4.16
C ILE A 89 -2.40 6.24 5.44
N LEU A 90 -3.53 6.91 5.45
CA LEU A 90 -4.01 7.60 6.63
C LEU A 90 -5.28 6.94 7.17
N VAL A 91 -5.45 6.97 8.49
CA VAL A 91 -6.73 6.66 9.10
C VAL A 91 -7.22 7.86 9.89
N ASP A 92 -8.30 8.46 9.42
CA ASP A 92 -8.85 9.69 9.98
C ASP A 92 -7.75 10.74 10.02
N GLY A 93 -7.00 10.83 8.91
CA GLY A 93 -6.01 11.88 8.72
C GLY A 93 -4.65 11.66 9.39
N LYS A 94 -4.46 10.47 9.97
CA LYS A 94 -3.33 10.15 10.83
C LYS A 94 -2.51 8.95 10.26
N PRO A 95 -1.20 9.16 10.04
CA PRO A 95 -0.42 8.21 9.27
C PRO A 95 -0.37 6.81 9.89
N VAL A 96 -0.42 5.83 9.01
CA VAL A 96 -0.08 4.46 9.36
C VAL A 96 1.35 4.15 8.87
N SER A 97 2.25 3.73 9.76
CA SER A 97 3.61 3.41 9.33
C SER A 97 4.03 2.00 9.63
N SER A 98 3.08 1.15 10.02
CA SER A 98 3.38 -0.20 10.53
C SER A 98 4.28 -1.09 9.64
N ARG A 99 4.05 -1.04 8.34
CA ARG A 99 4.81 -1.91 7.45
C ARG A 99 6.29 -1.55 7.45
N ASN A 100 6.65 -0.31 7.81
CA ASN A 100 8.05 0.07 7.95
C ASN A 100 8.79 -0.71 9.03
N SER A 101 8.06 -1.51 9.81
CA SER A 101 8.64 -2.49 10.76
C SER A 101 9.02 -3.87 10.18
N VAL A 102 8.75 -4.10 8.90
CA VAL A 102 9.20 -5.32 8.24
C VAL A 102 10.43 -5.10 7.35
N ARG A 103 11.41 -6.00 7.46
CA ARG A 103 12.64 -5.86 6.70
C ARG A 103 12.34 -5.55 5.26
N TYR A 104 12.99 -4.49 4.77
CA TYR A 104 13.07 -4.11 3.34
C TYR A 104 14.22 -4.84 2.64
N GLY A 105 13.89 -5.69 1.69
CA GLY A 105 14.85 -6.61 1.07
C GLY A 105 15.56 -6.06 -0.17
N TRP A 106 16.48 -6.89 -0.70
CA TRP A 106 17.46 -6.47 -1.71
C TRP A 106 16.71 -5.87 -2.91
N ARG A 107 15.59 -6.51 -3.21
CA ARG A 107 14.79 -6.28 -4.39
C ARG A 107 13.65 -5.28 -4.15
N GLY A 108 13.62 -4.64 -2.99
CA GLY A 108 12.63 -3.62 -2.74
C GLY A 108 11.28 -4.10 -2.28
N GLU A 109 11.18 -5.37 -1.89
CA GLU A 109 9.99 -5.88 -1.23
C GLU A 109 10.18 -6.12 0.24
N ARG A 110 9.10 -5.94 0.98
CA ARG A 110 8.95 -6.43 2.34
C ARG A 110 7.92 -7.54 2.39
N ASP A 111 8.15 -8.54 3.21
CA ASP A 111 7.16 -9.58 3.46
C ASP A 111 6.11 -9.02 4.38
N SER A 112 5.29 -8.14 3.83
CA SER A 112 4.27 -7.43 4.56
C SER A 112 3.00 -7.53 3.74
N ARG A 113 1.84 -7.61 4.38
CA ARG A 113 0.57 -7.54 3.63
C ARG A 113 0.12 -6.10 3.33
N GLY A 114 0.84 -5.13 3.87
CA GLY A 114 0.49 -3.72 3.66
C GLY A 114 -0.21 -3.16 4.87
N ASP A 115 -0.69 -1.93 4.74
CA ASP A 115 -1.42 -1.26 5.80
C ASP A 115 -2.87 -0.83 5.44
N THR A 116 -3.57 -1.62 4.62
CA THR A 116 -4.96 -1.36 4.35
C THR A 116 -5.94 -2.32 5.05
N ASN A 117 -5.45 -3.11 6.00
CA ASN A 117 -6.25 -4.15 6.64
C ASN A 117 -6.35 -3.92 8.15
N TRP A 118 -6.10 -2.70 8.61
CA TRP A 118 -6.18 -2.39 10.05
C TRP A 118 -7.59 -1.96 10.49
N VAL A 119 -8.32 -1.31 9.59
CA VAL A 119 -9.71 -0.92 9.80
C VAL A 119 -10.63 -1.89 9.07
N PRO A 120 -11.67 -2.39 9.77
CA PRO A 120 -12.60 -3.31 9.13
C PRO A 120 -13.54 -2.62 8.18
N ALA A 121 -13.77 -3.25 7.04
CA ALA A 121 -14.55 -2.65 5.97
C ALA A 121 -15.85 -1.98 6.43
N ASP A 122 -16.62 -2.66 7.27
CA ASP A 122 -17.98 -2.21 7.55
C ASP A 122 -18.04 -1.04 8.52
N GLN A 123 -16.93 -0.69 9.16
CA GLN A 123 -16.94 0.53 10.00
C GLN A 123 -16.34 1.74 9.29
N VAL A 124 -16.08 1.61 8.01
CA VAL A 124 -15.54 2.72 7.25
C VAL A 124 -16.66 3.55 6.71
N GLU A 125 -16.57 4.85 6.97
CA GLU A 125 -17.49 5.83 6.43
C GLU A 125 -17.15 6.14 5.01
N ARG A 126 -15.91 6.54 4.76
CA ARG A 126 -15.49 6.85 3.39
C ARG A 126 -13.98 6.69 3.19
N ILE A 127 -13.56 6.44 1.96
CA ILE A 127 -12.16 6.42 1.65
C ILE A 127 -11.82 7.44 0.60
N GLU A 128 -10.78 8.20 0.84
CA GLU A 128 -10.35 9.25 -0.07
C GLU A 128 -9.07 8.82 -0.75
N VAL A 129 -9.01 8.87 -2.07
CA VAL A 129 -7.76 8.59 -2.76
C VAL A 129 -7.33 9.78 -3.56
N ILE A 130 -6.14 10.28 -3.28
CA ILE A 130 -5.68 11.54 -3.82
C ILE A 130 -4.38 11.32 -4.52
N ARG A 131 -4.32 11.60 -5.81
CA ARG A 131 -3.25 11.09 -6.64
C ARG A 131 -2.46 12.20 -7.28
N GLY A 132 -1.13 12.13 -7.15
CA GLY A 132 -0.23 12.99 -7.90
C GLY A 132 0.04 14.35 -7.27
N PRO A 133 -0.01 15.39 -8.10
CA PRO A 133 0.32 16.74 -7.65
C PRO A 133 -0.53 17.24 -6.48
N ALA A 134 -1.77 16.79 -6.40
CA ALA A 134 -2.71 17.18 -5.35
C ALA A 134 -2.32 16.59 -3.97
N ALA A 135 -1.47 15.58 -3.98
CA ALA A 135 -1.08 14.92 -2.72
C ALA A 135 0.31 15.27 -2.19
N ALA A 136 1.11 16.03 -2.94
CA ALA A 136 2.49 16.32 -2.52
C ALA A 136 2.54 17.04 -1.17
N ARG A 137 1.57 17.92 -0.95
CA ARG A 137 1.43 18.66 0.29
C ARG A 137 1.36 17.78 1.51
N TYR A 138 1.03 16.50 1.33
CA TYR A 138 1.02 15.55 2.46
C TYR A 138 2.41 15.04 2.83
N GLY A 139 3.39 15.23 1.95
CA GLY A 139 4.77 15.15 2.35
C GLY A 139 5.27 13.77 2.10
N ASN A 140 5.84 13.18 3.14
CA ASN A 140 6.78 12.11 2.98
C ASN A 140 6.04 10.81 2.68
N GLY A 141 6.34 10.32 1.49
CA GLY A 141 5.79 9.07 1.01
C GLY A 141 4.50 9.22 0.25
N ALA A 142 4.22 10.42 -0.25
CA ALA A 142 2.99 10.67 -1.03
C ALA A 142 3.28 10.89 -2.51
N ALA A 143 4.46 10.48 -2.96
CA ALA A 143 4.88 10.67 -4.35
C ALA A 143 3.98 9.93 -5.34
N GLY A 144 3.33 8.87 -4.87
CA GLY A 144 2.26 8.23 -5.64
C GLY A 144 0.95 8.91 -5.32
N GLY A 145 0.62 8.95 -4.05
CA GLY A 145 -0.57 9.60 -3.55
C GLY A 145 -0.93 9.22 -2.13
N VAL A 146 -2.13 9.63 -1.71
CA VAL A 146 -2.59 9.39 -0.36
C VAL A 146 -3.86 8.61 -0.47
N VAL A 147 -4.01 7.62 0.41
CA VAL A 147 -5.27 6.95 0.66
C VAL A 147 -5.62 7.28 2.09
N ASN A 148 -6.78 7.88 2.32
CA ASN A 148 -7.23 8.23 3.67
C ASN A 148 -8.51 7.51 4.04
N ILE A 149 -8.41 6.53 4.93
CA ILE A 149 -9.53 5.72 5.35
C ILE A 149 -10.28 6.36 6.51
N ILE A 150 -11.53 6.74 6.31
CA ILE A 150 -12.26 7.48 7.32
C ILE A 150 -13.33 6.62 7.97
N THR A 151 -13.41 6.69 9.29
CA THR A 151 -14.28 5.82 10.05
C THR A 151 -15.59 6.51 10.32
N LYS A 152 -16.62 5.73 10.58
CA LYS A 152 -17.89 6.25 10.99
C LYS A 152 -17.76 6.88 12.38
N GLN A 153 -18.56 7.90 12.58
CA GLN A 153 -18.52 8.71 13.78
C GLN A 153 -19.89 8.76 14.43
N ALA A 154 -19.93 9.21 15.69
CA ALA A 154 -21.21 9.37 16.39
C ALA A 154 -22.02 10.53 15.85
N GLY A 155 -23.33 10.46 16.05
CA GLY A 155 -24.21 11.59 15.77
C GLY A 155 -24.72 12.29 17.02
N ALA A 156 -25.86 12.94 16.89
CA ALA A 156 -26.54 13.52 18.06
C ALA A 156 -26.93 12.39 18.99
N GLU A 157 -27.69 11.43 18.46
CA GLU A 157 -28.28 10.34 19.24
C GLU A 157 -27.41 9.09 19.13
N THR A 158 -27.74 8.05 19.92
CA THR A 158 -26.95 6.80 19.91
C THR A 158 -27.35 5.87 18.76
N HIS A 159 -26.37 5.50 17.94
CA HIS A 159 -26.53 4.48 16.92
C HIS A 159 -25.54 3.33 17.10
N GLY A 160 -25.69 2.30 16.27
CA GLY A 160 -24.72 1.19 16.22
C GLY A 160 -25.05 0.14 15.16
N ASN A 161 -24.15 -0.81 14.94
CA ASN A 161 -24.42 -1.89 14.01
C ASN A 161 -23.73 -3.18 14.39
N LEU A 162 -24.17 -4.26 13.73
CA LEU A 162 -23.55 -5.59 13.78
C LEU A 162 -23.47 -6.17 12.34
N SER A 163 -22.25 -6.46 11.90
CA SER A 163 -22.02 -6.79 10.49
C SER A 163 -21.29 -8.13 10.36
N VAL A 164 -21.75 -8.94 9.44
CA VAL A 164 -21.26 -10.31 9.24
C VAL A 164 -21.00 -10.45 7.76
N TYR A 165 -19.85 -11.00 7.36
CA TYR A 165 -19.67 -11.44 5.98
C TYR A 165 -18.99 -12.78 5.99
N SER A 166 -19.33 -13.58 5.00
CA SER A 166 -18.82 -14.95 4.92
C SER A 166 -18.81 -15.34 3.44
N ASN A 167 -17.66 -15.74 2.94
CA ASN A 167 -17.63 -16.25 1.58
C ASN A 167 -17.27 -17.73 1.49
N PHE A 168 -17.35 -18.21 0.25
CA PHE A 168 -17.44 -19.66 -0.04
C PHE A 168 -16.85 -19.95 -1.40
N PRO A 169 -15.56 -20.25 -1.44
CA PRO A 169 -14.85 -20.64 -2.64
C PRO A 169 -15.47 -21.81 -3.36
N GLN A 170 -15.41 -21.81 -4.70
CA GLN A 170 -15.82 -22.95 -5.48
C GLN A 170 -14.77 -24.06 -5.36
N HIS A 171 -13.52 -23.66 -5.38
CA HIS A 171 -12.41 -24.57 -5.26
C HIS A 171 -11.91 -24.51 -3.82
N LYS A 172 -11.81 -25.65 -3.15
CA LYS A 172 -11.56 -25.69 -1.69
C LYS A 172 -10.13 -25.32 -1.29
N ALA A 173 -9.19 -25.53 -2.22
CA ALA A 173 -7.84 -25.09 -2.04
C ALA A 173 -7.83 -23.64 -1.56
N GLU A 174 -8.57 -22.78 -2.23
CA GLU A 174 -8.52 -21.35 -1.97
C GLU A 174 -9.17 -21.08 -0.63
N GLY A 175 -8.71 -20.04 0.03
CA GLY A 175 -9.10 -19.75 1.39
C GLY A 175 -10.33 -18.92 1.47
N ALA A 176 -11.29 -19.41 2.26
CA ALA A 176 -12.54 -18.70 2.57
C ALA A 176 -12.27 -17.66 3.66
N SER A 177 -13.18 -16.68 3.76
CA SER A 177 -13.00 -15.53 4.64
C SER A 177 -14.28 -15.30 5.46
N GLU A 178 -14.09 -14.84 6.69
CA GLU A 178 -15.19 -14.62 7.66
C GLU A 178 -14.90 -13.37 8.48
N ARG A 179 -15.92 -12.59 8.79
CA ARG A 179 -15.75 -11.25 9.27
C ARG A 179 -16.98 -10.92 10.13
N MET A 180 -16.75 -10.50 11.37
CA MET A 180 -17.81 -10.09 12.30
C MET A 180 -17.32 -8.78 12.91
N SER A 181 -18.06 -7.69 12.75
CA SER A 181 -17.64 -6.45 13.30
C SER A 181 -18.85 -5.71 13.89
N PHE A 182 -18.57 -4.89 14.88
CA PHE A 182 -19.62 -4.11 15.54
C PHE A 182 -19.23 -2.65 15.70
N GLY A 183 -20.23 -1.76 15.75
CA GLY A 183 -19.99 -0.35 16.07
C GLY A 183 -21.04 0.13 17.04
N LEU A 184 -20.71 1.16 17.77
CA LEU A 184 -21.63 1.64 18.78
C LEU A 184 -21.17 3.02 19.20
N ASN A 185 -22.04 3.99 19.02
CA ASN A 185 -21.67 5.41 19.02
C ASN A 185 -22.79 6.22 19.66
N GLY A 186 -22.45 7.37 20.22
CA GLY A 186 -23.42 8.21 20.90
C GLY A 186 -22.89 9.29 21.83
N PRO A 187 -23.80 10.08 22.42
CA PRO A 187 -23.49 11.01 23.48
C PRO A 187 -23.58 10.35 24.86
N LEU A 188 -22.93 10.97 25.84
CA LEU A 188 -23.09 10.57 27.22
C LEU A 188 -23.34 11.76 28.16
N THR A 189 -22.69 12.91 27.93
CA THR A 189 -23.20 14.21 28.37
C THR A 189 -23.59 15.00 27.13
N GLU A 190 -23.99 16.26 27.29
CA GLU A 190 -24.39 17.07 26.15
C GLU A 190 -23.22 17.54 25.28
N ASN A 191 -22.04 17.61 25.87
CA ASN A 191 -20.85 17.95 25.09
C ASN A 191 -19.88 16.76 24.96
N LEU A 192 -20.21 15.65 25.63
CA LEU A 192 -19.44 14.42 25.52
C LEU A 192 -20.08 13.36 24.62
N SER A 193 -19.27 12.81 23.72
CA SER A 193 -19.65 11.68 22.86
C SER A 193 -18.58 10.59 22.89
N TYR A 194 -19.02 9.38 22.49
CA TYR A 194 -18.15 8.24 22.26
C TYR A 194 -18.43 7.52 20.90
N ARG A 195 -17.42 6.89 20.32
CA ARG A 195 -17.64 5.80 19.34
C ARG A 195 -16.67 4.65 19.56
N VAL A 196 -17.18 3.41 19.67
CA VAL A 196 -16.33 2.24 19.69
C VAL A 196 -16.74 1.23 18.64
N TYR A 197 -15.77 0.48 18.14
CA TYR A 197 -15.99 -0.58 17.16
C TYR A 197 -14.99 -1.71 17.42
N GLY A 198 -15.25 -2.85 16.78
CA GLY A 198 -14.56 -4.05 17.13
C GLY A 198 -14.78 -5.07 16.05
N ASN A 199 -13.72 -5.80 15.74
CA ASN A 199 -13.79 -6.75 14.64
C ASN A 199 -13.08 -8.02 14.99
N ILE A 200 -13.69 -9.15 14.62
CA ILE A 200 -12.95 -10.41 14.43
C ILE A 200 -13.12 -10.95 13.03
N ALA A 201 -11.98 -11.28 12.40
CA ALA A 201 -11.90 -11.76 11.02
C ALA A 201 -10.92 -12.94 10.89
N LYS A 202 -11.15 -13.75 9.85
CA LYS A 202 -10.26 -14.80 9.42
C LYS A 202 -10.27 -14.87 7.88
N THR A 203 -9.10 -14.94 7.29
CA THR A 203 -9.01 -15.33 5.90
C THR A 203 -8.08 -16.54 5.94
N ASP A 204 -8.63 -17.69 5.58
CA ASP A 204 -7.86 -18.94 5.57
C ASP A 204 -6.84 -18.82 4.47
N SER A 205 -5.70 -19.49 4.61
CA SER A 205 -4.68 -19.42 3.60
C SER A 205 -5.09 -20.31 2.48
N ASP A 206 -4.45 -20.14 1.33
CA ASP A 206 -4.62 -21.09 0.26
C ASP A 206 -3.90 -22.37 0.74
N ASP A 207 -4.38 -23.52 0.29
CA ASP A 207 -3.68 -24.75 0.61
C ASP A 207 -2.21 -24.65 0.16
N TRP A 208 -1.37 -25.38 0.88
CA TRP A 208 0.06 -25.41 0.63
C TRP A 208 0.38 -25.88 -0.79
N ASP A 209 -0.56 -26.58 -1.43
CA ASP A 209 -0.26 -27.23 -2.70
C ASP A 209 -1.03 -26.65 -3.89
N ILE A 210 -1.71 -25.54 -3.64
CA ILE A 210 -2.61 -24.91 -4.65
C ILE A 210 -1.93 -24.65 -5.99
N ASN A 211 -0.65 -24.34 -5.96
CA ASN A 211 0.07 -24.07 -7.22
C ASN A 211 0.82 -25.26 -7.82
N ALA A 212 0.58 -26.47 -7.29
CA ALA A 212 1.12 -27.68 -7.86
C ALA A 212 0.57 -27.93 -9.27
N GLY A 213 1.46 -28.28 -10.21
CA GLY A 213 1.11 -28.35 -11.61
C GLY A 213 1.24 -27.03 -12.35
N HIS A 214 1.35 -25.92 -11.62
CA HIS A 214 1.52 -24.60 -12.22
C HIS A 214 2.89 -24.00 -11.97
N GLU A 215 3.63 -24.58 -11.02
CA GLU A 215 4.97 -24.09 -10.69
C GLU A 215 5.93 -24.07 -11.86
N SER A 216 6.82 -23.07 -11.88
CA SER A 216 7.99 -23.10 -12.76
C SER A 216 8.81 -24.38 -12.51
N ASN A 217 9.67 -24.72 -13.46
CA ASN A 217 10.33 -26.00 -13.45
C ASN A 217 11.49 -25.99 -12.45
N ARG A 218 11.50 -27.00 -11.59
CA ARG A 218 12.44 -27.10 -10.47
C ARG A 218 13.19 -28.42 -10.48
N THR A 219 14.53 -28.28 -10.56
CA THR A 219 15.49 -29.38 -10.55
C THR A 219 16.51 -29.27 -9.41
N GLY A 220 17.31 -30.31 -9.30
CA GLY A 220 18.45 -30.38 -8.39
C GLY A 220 18.04 -30.27 -6.93
N LYS A 221 18.79 -29.47 -6.17
CA LYS A 221 18.43 -29.20 -4.79
C LYS A 221 16.99 -28.67 -4.68
N GLN A 222 16.54 -27.91 -5.66
CA GLN A 222 15.27 -27.22 -5.51
C GLN A 222 14.08 -28.02 -6.06
N ALA A 223 14.35 -29.21 -6.59
CA ALA A 223 13.28 -30.10 -7.00
C ALA A 223 12.28 -30.31 -5.88
N GLY A 224 10.99 -30.23 -6.22
CA GLY A 224 9.92 -30.42 -5.27
C GLY A 224 9.40 -29.16 -4.63
N THR A 225 10.12 -28.04 -4.79
CA THR A 225 9.74 -26.80 -4.12
C THR A 225 8.43 -26.29 -4.69
N LEU A 226 7.73 -25.45 -3.94
CA LEU A 226 6.51 -24.81 -4.46
C LEU A 226 6.50 -23.32 -4.26
N PRO A 227 6.01 -22.59 -5.26
CA PRO A 227 5.58 -21.23 -5.03
C PRO A 227 4.24 -21.29 -4.32
N ALA A 228 3.98 -20.32 -3.45
CA ALA A 228 2.95 -20.47 -2.46
C ALA A 228 1.73 -19.72 -2.92
N GLY A 229 0.60 -20.06 -2.33
CA GLY A 229 -0.60 -19.29 -2.50
C GLY A 229 -0.66 -18.15 -1.49
N ARG A 230 -1.85 -17.58 -1.36
CA ARG A 230 -2.06 -16.47 -0.48
C ARG A 230 -2.01 -16.89 0.98
N GLU A 231 -1.31 -16.06 1.72
CA GLU A 231 -1.15 -16.18 3.14
C GLU A 231 -2.51 -15.94 3.74
N GLY A 232 -2.88 -16.65 4.81
CA GLY A 232 -4.09 -16.35 5.56
C GLY A 232 -3.76 -15.29 6.59
N VAL A 233 -4.79 -14.66 7.14
CA VAL A 233 -4.59 -13.71 8.22
C VAL A 233 -5.77 -13.76 9.18
N ARG A 234 -5.49 -13.80 10.49
CA ARG A 234 -6.50 -13.62 11.52
C ARG A 234 -6.40 -12.17 12.01
N ASN A 235 -7.51 -11.44 12.00
CA ASN A 235 -7.57 -10.06 12.52
C ASN A 235 -8.32 -9.91 13.85
N LYS A 236 -7.84 -9.02 14.70
CA LYS A 236 -8.62 -8.58 15.86
C LYS A 236 -8.43 -7.08 16.10
N ASP A 237 -9.47 -6.32 15.91
CA ASP A 237 -9.31 -4.88 15.94
C ASP A 237 -10.31 -4.33 16.92
N ILE A 238 -9.90 -3.38 17.75
CA ILE A 238 -10.77 -2.83 18.76
C ILE A 238 -10.34 -1.37 18.91
N ASP A 239 -11.26 -0.48 18.66
CA ASP A 239 -10.98 0.93 18.78
C ASP A 239 -12.00 1.59 19.68
N GLY A 240 -11.53 2.55 20.48
CA GLY A 240 -12.41 3.42 21.24
C GLY A 240 -12.01 4.88 21.02
N LEU A 241 -13.03 5.73 20.93
CA LEU A 241 -12.88 7.18 20.88
C LEU A 241 -13.81 7.81 21.91
N LEU A 242 -13.31 8.85 22.61
CA LEU A 242 -14.15 9.83 23.32
C LEU A 242 -13.95 11.22 22.69
N SER A 243 -15.02 11.84 22.21
CA SER A 243 -14.90 13.18 21.64
C SER A 243 -15.62 14.14 22.56
N TRP A 244 -14.97 15.23 22.97
CA TRP A 244 -15.47 16.02 24.10
C TRP A 244 -15.35 17.49 23.77
N ARG A 245 -16.48 18.18 23.90
CA ARG A 245 -16.70 19.52 23.37
C ARG A 245 -16.68 20.58 24.46
N LEU A 246 -15.48 20.87 24.95
CA LEU A 246 -15.28 21.65 26.16
C LEU A 246 -16.02 22.99 26.11
N THR A 247 -15.90 23.71 24.99
CA THR A 247 -16.56 24.99 24.78
C THR A 247 -17.46 24.89 23.54
N PRO A 248 -18.19 25.97 23.20
CA PRO A 248 -18.93 26.05 21.95
C PRO A 248 -18.06 25.70 20.74
N GLU A 249 -16.85 26.24 20.73
CA GLU A 249 -15.99 26.22 19.55
C GLU A 249 -14.79 25.26 19.71
N GLN A 250 -14.74 24.56 20.85
CA GLN A 250 -13.66 23.61 21.11
C GLN A 250 -14.15 22.17 21.14
N THR A 251 -13.45 21.30 20.45
CA THR A 251 -13.60 19.86 20.64
C THR A 251 -12.24 19.14 20.89
N LEU A 252 -12.27 18.19 21.82
CA LEU A 252 -11.08 17.45 22.24
C LEU A 252 -11.32 15.94 22.19
N GLU A 253 -10.57 15.24 21.34
CA GLU A 253 -10.80 13.81 21.12
C GLU A 253 -9.67 12.95 21.66
N PHE A 254 -10.02 11.88 22.37
CA PHE A 254 -9.04 10.85 22.78
C PHE A 254 -9.39 9.47 22.22
N GLU A 255 -8.44 8.84 21.54
CA GLU A 255 -8.71 7.53 20.98
C GLU A 255 -7.53 6.56 21.15
N ALA A 256 -7.86 5.30 21.35
CA ALA A 256 -6.89 4.26 21.43
C ALA A 256 -7.30 3.11 20.51
N GLY A 257 -6.31 2.46 19.91
CA GLY A 257 -6.58 1.33 19.03
C GLY A 257 -5.70 0.17 19.37
N PHE A 258 -6.30 -1.02 19.32
CA PHE A 258 -5.56 -2.28 19.50
C PHE A 258 -5.91 -3.19 18.31
N SER A 259 -4.93 -3.55 17.50
CA SER A 259 -5.15 -4.56 16.45
C SER A 259 -4.07 -5.63 16.51
N ARG A 260 -4.41 -6.83 16.04
CA ARG A 260 -3.47 -7.93 15.88
C ARG A 260 -3.78 -8.72 14.59
N GLN A 261 -2.79 -8.86 13.71
CA GLN A 261 -2.89 -9.82 12.64
C GLN A 261 -1.86 -10.88 12.83
N GLY A 262 -2.30 -12.13 12.87
CA GLY A 262 -1.43 -13.28 12.85
C GLY A 262 -1.71 -14.04 11.57
N ASN A 263 -0.67 -14.47 10.91
CA ASN A 263 -0.90 -15.11 9.65
C ASN A 263 -1.25 -16.56 9.86
N ILE A 264 -1.50 -17.19 8.72
CA ILE A 264 -1.49 -18.63 8.54
C ILE A 264 -0.53 -18.93 7.38
N TYR A 265 0.55 -19.64 7.68
CA TYR A 265 1.64 -19.72 6.74
C TYR A 265 1.36 -20.81 5.73
N THR A 266 1.59 -20.56 4.44
CA THR A 266 1.39 -21.61 3.41
C THR A 266 2.57 -21.86 2.45
N GLY A 267 3.78 -21.62 2.95
CA GLY A 267 5.01 -22.08 2.29
C GLY A 267 5.80 -20.94 1.69
N ASP A 268 5.24 -19.72 1.70
CA ASP A 268 5.85 -18.60 0.98
C ASP A 268 7.26 -18.34 1.53
N THR A 269 8.22 -18.15 0.62
CA THR A 269 9.58 -17.76 0.94
C THR A 269 10.09 -16.81 -0.12
N GLN A 270 10.99 -15.90 0.22
CA GLN A 270 11.43 -14.92 -0.78
C GLN A 270 11.76 -15.54 -2.12
N ASN A 271 12.55 -16.59 -2.15
CA ASN A 271 12.97 -17.15 -3.43
C ASN A 271 12.20 -18.37 -3.90
N THR A 272 11.22 -18.81 -3.13
CA THR A 272 10.43 -20.02 -3.41
C THR A 272 11.15 -21.32 -3.07
N ASN A 273 12.32 -21.18 -2.44
CA ASN A 273 13.06 -22.35 -1.98
C ASN A 273 12.49 -22.84 -0.65
N SER A 274 12.90 -24.03 -0.23
CA SER A 274 12.33 -24.60 0.96
C SER A 274 13.43 -25.16 1.82
N ASN A 275 13.03 -25.56 3.02
CA ASN A 275 13.84 -26.40 3.89
C ASN A 275 12.84 -27.16 4.76
N ASN A 276 13.30 -27.94 5.74
CA ASN A 276 12.36 -28.58 6.70
C ASN A 276 11.52 -27.65 7.58
N TYR A 277 12.14 -26.60 8.11
CA TYR A 277 11.46 -25.69 9.02
C TYR A 277 10.24 -25.09 8.32
N VAL A 278 10.39 -24.71 7.05
CA VAL A 278 9.27 -24.25 6.24
C VAL A 278 8.10 -25.19 6.37
N LYS A 279 8.34 -26.46 6.06
CA LYS A 279 7.26 -27.45 6.01
C LYS A 279 6.65 -27.67 7.38
N GLN A 280 7.50 -27.76 8.41
CA GLN A 280 7.05 -27.80 9.79
C GLN A 280 5.98 -26.72 10.11
N MET A 281 6.05 -25.57 9.44
CA MET A 281 5.26 -24.42 9.89
C MET A 281 4.01 -24.25 9.04
N LEU A 282 3.84 -25.11 8.05
CA LEU A 282 2.64 -25.00 7.20
C LEU A 282 1.40 -25.13 8.07
N GLY A 283 0.60 -24.08 8.05
CA GLY A 283 -0.67 -24.08 8.78
C GLY A 283 -0.61 -23.31 10.07
N HIS A 284 0.58 -22.88 10.45
CA HIS A 284 0.81 -22.17 11.69
C HIS A 284 1.13 -20.70 11.50
N GLU A 285 0.96 -19.96 12.59
CA GLU A 285 1.33 -18.58 12.70
C GLU A 285 2.84 -18.45 12.74
N THR A 286 3.40 -17.72 11.77
CA THR A 286 4.86 -17.49 11.65
C THR A 286 5.21 -16.01 11.72
N ASN A 287 4.23 -15.15 11.43
CA ASN A 287 4.27 -13.74 11.82
C ASN A 287 3.02 -13.31 12.59
N ARG A 288 3.24 -12.39 13.51
CA ARG A 288 2.16 -11.68 14.20
C ARG A 288 2.53 -10.18 14.19
N MET A 289 1.58 -9.35 13.87
CA MET A 289 1.76 -7.91 13.91
C MET A 289 0.76 -7.46 14.96
N TYR A 290 1.24 -6.80 16.00
CA TYR A 290 0.38 -6.15 16.96
C TYR A 290 0.55 -4.64 16.64
N ARG A 291 -0.56 -3.94 16.45
CA ARG A 291 -0.51 -2.51 16.25
C ARG A 291 -1.35 -1.84 17.29
N GLU A 292 -0.69 -0.95 18.04
CA GLU A 292 -1.33 -0.13 19.07
C GLU A 292 -1.22 1.37 18.79
N THR A 293 -2.36 2.05 18.81
CA THR A 293 -2.42 3.49 18.55
C THR A 293 -3.07 4.19 19.72
N TYR A 294 -2.48 5.30 20.16
CA TYR A 294 -3.16 6.23 21.06
C TYR A 294 -3.11 7.60 20.36
N SER A 295 -4.15 8.40 20.50
CA SER A 295 -4.15 9.69 19.85
C SER A 295 -4.92 10.73 20.63
N VAL A 296 -4.39 11.93 20.66
CA VAL A 296 -5.14 13.06 21.16
C VAL A 296 -5.26 14.11 20.08
N THR A 297 -6.49 14.60 19.90
CA THR A 297 -6.78 15.51 18.80
C THR A 297 -7.69 16.59 19.36
N HIS A 298 -7.31 17.83 19.10
CA HIS A 298 -8.12 19.00 19.42
C HIS A 298 -8.48 19.68 18.12
N ARG A 299 -9.76 19.92 17.86
CA ARG A 299 -10.16 20.65 16.66
C ARG A 299 -10.88 21.89 17.17
N GLY A 300 -10.62 23.04 16.56
CA GLY A 300 -11.12 24.31 17.06
C GLY A 300 -11.75 25.17 15.97
N GLU A 301 -12.85 25.83 16.34
CA GLU A 301 -13.74 26.51 15.38
C GLU A 301 -14.09 27.94 15.86
N TRP A 302 -13.35 28.92 15.36
CA TRP A 302 -13.39 30.32 15.86
C TRP A 302 -13.62 31.36 14.74
N ASP A 303 -13.59 32.65 15.11
CA ASP A 303 -13.90 33.74 14.15
C ASP A 303 -13.00 33.75 12.91
N PHE A 304 -11.67 33.76 13.12
CA PHE A 304 -10.72 33.81 12.01
C PHE A 304 -10.88 32.60 11.10
N GLY A 305 -11.18 31.44 11.68
CA GLY A 305 -11.31 30.22 10.90
C GLY A 305 -11.19 28.97 11.76
N SER A 306 -10.14 28.20 11.55
CA SER A 306 -10.17 26.81 11.96
C SER A 306 -8.80 26.24 12.39
N SER A 307 -8.72 25.70 13.62
CA SER A 307 -7.51 24.99 14.03
C SER A 307 -7.74 23.48 14.17
N LEU A 308 -6.66 22.72 13.95
CA LEU A 308 -6.60 21.27 14.17
C LEU A 308 -5.16 20.87 14.55
N ALA A 309 -5.01 20.09 15.63
CA ALA A 309 -3.69 19.59 16.03
C ALA A 309 -3.78 18.21 16.74
N TYR A 310 -2.79 17.35 16.53
CA TYR A 310 -2.88 16.06 17.19
C TYR A 310 -1.54 15.45 17.53
N LEU A 311 -1.65 14.50 18.47
CA LEU A 311 -0.57 13.60 18.85
C LEU A 311 -1.01 12.15 18.55
N GLN A 312 -0.26 11.47 17.70
CA GLN A 312 -0.42 10.02 17.63
C GLN A 312 0.86 9.29 18.02
N TYR A 313 0.67 8.24 18.81
CA TYR A 313 1.71 7.26 19.13
C TYR A 313 1.26 5.93 18.54
N GLU A 314 1.99 5.48 17.53
CA GLU A 314 1.78 4.17 16.94
C GLU A 314 2.93 3.24 17.34
N LYS A 315 2.61 2.12 17.96
CA LYS A 315 3.63 1.14 18.32
C LYS A 315 3.36 -0.17 17.66
N THR A 316 4.25 -0.56 16.75
CA THR A 316 4.07 -1.81 16.05
C THR A 316 5.08 -2.82 16.57
N ARG A 317 4.59 -4.00 17.00
CA ARG A 317 5.42 -5.18 17.26
C ARG A 317 5.30 -6.20 16.12
N ASN A 318 6.42 -6.49 15.45
CA ASN A 318 6.42 -7.40 14.34
C ASN A 318 7.15 -8.68 14.80
N SER A 319 6.41 -9.70 15.20
CA SER A 319 7.07 -10.87 15.76
C SER A 319 6.98 -12.02 14.80
N ARG A 320 8.12 -12.50 14.35
CA ARG A 320 8.12 -13.49 13.31
C ARG A 320 9.36 -14.33 13.38
N ILE A 321 9.31 -15.42 12.62
CA ILE A 321 10.32 -16.43 12.70
C ILE A 321 11.56 -15.85 12.06
N ASN A 322 12.72 -16.09 12.68
CA ASN A 322 13.99 -15.54 12.19
C ASN A 322 14.26 -16.01 10.76
N GLU A 323 14.78 -15.15 9.89
CA GLU A 323 14.93 -15.57 8.50
C GLU A 323 16.36 -15.28 8.19
N GLY A 324 16.91 -15.87 7.15
CA GLY A 324 18.27 -15.53 6.71
C GLY A 324 18.36 -14.26 5.86
N LEU A 325 19.60 -13.86 5.57
CA LEU A 325 19.83 -12.55 5.00
C LEU A 325 20.86 -12.67 3.92
N ALA A 326 21.10 -13.90 3.48
CA ALA A 326 22.11 -14.12 2.43
C ALA A 326 21.62 -15.02 1.30
N GLY A 327 21.57 -14.45 0.11
CA GLY A 327 21.51 -15.19 -1.14
C GLY A 327 20.16 -15.83 -1.31
N GLY A 328 20.14 -17.11 -1.67
CA GLY A 328 18.91 -17.88 -1.59
C GLY A 328 18.40 -18.12 -0.19
N THR A 329 19.14 -17.72 0.85
CA THR A 329 18.62 -17.83 2.22
C THR A 329 17.94 -16.54 2.72
N GLU A 330 18.04 -15.48 1.94
CA GLU A 330 17.30 -14.27 2.20
C GLU A 330 15.82 -14.61 2.17
N GLY A 331 15.18 -14.41 3.30
CA GLY A 331 13.72 -14.47 3.41
C GLY A 331 13.18 -15.87 3.48
N ILE A 332 13.98 -16.79 3.99
CA ILE A 332 13.48 -18.10 4.37
C ILE A 332 13.78 -18.33 5.84
N PHE A 333 12.89 -18.99 6.56
CA PHE A 333 13.18 -19.35 7.96
C PHE A 333 14.57 -19.96 8.10
N ASP A 334 15.33 -19.45 9.06
CA ASP A 334 16.69 -19.95 9.37
C ASP A 334 16.60 -21.10 10.35
N PRO A 335 16.92 -22.33 9.92
CA PRO A 335 16.79 -23.47 10.85
C PRO A 335 17.86 -23.53 11.97
N ASN A 336 19.01 -22.87 11.76
CA ASN A 336 20.12 -22.78 12.73
C ASN A 336 19.76 -21.91 13.91
N ASN A 337 18.96 -20.88 13.62
CA ASN A 337 18.62 -19.84 14.57
C ASN A 337 17.09 -19.79 14.70
N ALA A 338 16.49 -20.91 15.08
CA ALA A 338 15.05 -21.01 15.12
C ALA A 338 14.42 -20.21 16.26
N GLY A 339 13.14 -19.92 16.08
CA GLY A 339 12.34 -19.24 17.07
C GLY A 339 11.87 -17.91 16.53
N PHE A 340 11.06 -17.21 17.31
CA PHE A 340 10.55 -15.90 16.93
C PHE A 340 11.56 -14.84 17.41
N TYR A 341 11.77 -13.79 16.63
CA TYR A 341 12.28 -12.52 17.12
C TYR A 341 11.19 -11.47 17.04
N THR A 342 11.45 -10.31 17.59
CA THR A 342 10.44 -9.24 17.56
C THR A 342 11.03 -7.92 17.21
N ALA A 343 10.52 -7.31 16.14
CA ALA A 343 10.93 -5.97 15.73
C ALA A 343 9.93 -5.02 16.30
N THR A 344 10.41 -3.87 16.74
CA THR A 344 9.55 -2.88 17.36
C THR A 344 9.68 -1.57 16.61
N LEU A 345 8.52 -1.03 16.22
CA LEU A 345 8.47 0.27 15.62
C LEU A 345 7.66 1.14 16.53
N ARG A 346 8.28 2.21 16.98
CA ARG A 346 7.62 3.27 17.72
C ARG A 346 7.57 4.45 16.74
N ASP A 347 6.37 4.89 16.44
CA ASP A 347 6.20 6.02 15.55
C ASP A 347 5.36 7.07 16.22
N LEU A 348 5.91 8.29 16.24
CA LEU A 348 5.35 9.37 17.01
C LEU A 348 5.03 10.51 16.07
N THR A 349 3.79 10.99 16.11
CA THR A 349 3.40 12.01 15.17
C THR A 349 2.60 13.11 15.81
N ALA A 350 3.02 14.33 15.50
CA ALA A 350 2.32 15.53 15.97
C ALA A 350 2.26 16.58 14.86
N HIS A 351 1.08 17.23 14.78
CA HIS A 351 0.63 17.98 13.60
C HIS A 351 -0.16 19.21 14.08
N GLY A 352 0.06 20.35 13.45
CA GLY A 352 -0.72 21.55 13.77
C GLY A 352 -1.08 22.27 12.50
N GLU A 353 -2.34 22.70 12.41
CA GLU A 353 -2.79 23.45 11.24
C GLU A 353 -3.87 24.46 11.60
N VAL A 354 -3.76 25.65 11.01
CA VAL A 354 -4.81 26.65 11.09
C VAL A 354 -5.20 27.04 9.69
N ASN A 355 -6.45 27.49 9.54
CA ASN A 355 -6.96 27.93 8.26
C ASN A 355 -7.48 29.32 8.38
N LEU A 356 -7.23 30.11 7.34
CA LEU A 356 -7.56 31.52 7.37
C LEU A 356 -8.17 31.93 6.04
N PRO A 357 -9.49 32.16 6.01
CA PRO A 357 -10.05 33.02 4.98
C PRO A 357 -9.35 34.40 4.90
N LEU A 358 -9.18 34.90 3.67
CA LEU A 358 -8.60 36.23 3.40
C LEU A 358 -9.37 36.95 2.29
N HIS A 359 -10.09 38.01 2.64
CA HIS A 359 -10.82 38.78 1.65
C HIS A 359 -9.92 39.92 1.20
N LEU A 360 -9.25 39.71 0.07
CA LEU A 360 -8.03 40.45 -0.29
C LEU A 360 -8.15 40.91 -1.74
N GLY A 361 -9.36 41.31 -2.10
CA GLY A 361 -9.79 41.38 -3.48
C GLY A 361 -10.26 39.99 -3.86
N TYR A 362 -9.31 39.09 -4.03
CA TYR A 362 -9.58 37.67 -4.24
C TYR A 362 -10.11 37.02 -2.97
N GLU A 363 -11.32 36.45 -3.06
CA GLU A 363 -11.76 35.45 -2.09
C GLU A 363 -10.72 34.30 -2.09
N GLN A 364 -10.14 33.99 -0.92
CA GLN A 364 -9.05 33.02 -0.86
C GLN A 364 -8.85 32.47 0.55
N THR A 365 -8.54 31.17 0.66
CA THR A 365 -8.34 30.55 1.97
C THR A 365 -6.90 30.04 2.15
N LEU A 366 -6.36 30.24 3.36
CA LEU A 366 -4.93 30.06 3.63
C LEU A 366 -4.65 29.15 4.82
N THR A 367 -4.08 27.98 4.52
CA THR A 367 -3.68 27.00 5.53
C THR A 367 -2.21 27.19 5.94
N LEU A 368 -1.92 26.96 7.21
CA LEU A 368 -0.55 27.06 7.72
C LEU A 368 -0.36 25.97 8.74
N GLY A 369 0.82 25.32 8.73
CA GLY A 369 1.03 24.12 9.53
C GLY A 369 2.47 23.65 9.76
N SER A 370 2.72 23.19 10.97
CA SER A 370 3.92 22.38 11.21
C SER A 370 3.55 20.90 11.29
N GLU A 371 4.56 20.07 11.08
CA GLU A 371 4.49 18.65 11.46
C GLU A 371 5.80 18.14 12.05
N TRP A 372 5.68 17.32 13.09
CA TRP A 372 6.81 16.56 13.64
C TRP A 372 6.54 15.04 13.71
N THR A 373 7.51 14.26 13.26
CA THR A 373 7.43 12.81 13.34
C THR A 373 8.75 12.23 13.80
N GLU A 374 8.66 11.12 14.53
CA GLU A 374 9.82 10.30 14.86
C GLU A 374 9.47 8.84 14.62
N GLN A 375 10.40 8.18 13.93
CA GLN A 375 10.37 6.74 13.70
C GLN A 375 11.51 6.07 14.48
N LYS A 376 11.21 5.32 15.53
CA LYS A 376 12.24 4.52 16.21
C LYS A 376 12.05 3.08 15.78
N LEU A 377 13.14 2.43 15.33
CA LEU A 377 13.07 1.03 14.96
C LEU A 377 14.05 0.20 15.74
N ASP A 378 13.51 -0.77 16.48
CA ASP A 378 14.32 -1.81 17.05
C ASP A 378 14.15 -3.16 16.32
N ASP A 379 15.24 -3.64 15.73
CA ASP A 379 15.22 -4.84 14.91
C ASP A 379 16.39 -5.77 15.21
N PRO A 380 16.15 -6.88 15.93
CA PRO A 380 17.34 -7.72 16.26
C PRO A 380 17.90 -8.57 15.11
N SER A 381 17.06 -9.02 14.20
CA SER A 381 17.45 -10.02 13.25
C SER A 381 18.08 -9.36 12.03
N SER A 382 17.62 -8.19 11.65
CA SER A 382 17.92 -7.68 10.32
C SER A 382 19.37 -7.27 10.16
N ASN A 383 20.05 -6.97 11.25
CA ASN A 383 21.41 -6.52 11.13
C ASN A 383 22.39 -7.56 11.58
N THR A 384 22.17 -8.83 11.29
CA THR A 384 22.97 -9.86 11.91
C THR A 384 23.92 -10.51 10.93
N GLN A 385 23.84 -10.15 9.66
CA GLN A 385 24.57 -10.88 8.64
C GLN A 385 26.07 -10.69 8.80
N ASN A 386 26.80 -11.80 8.85
CA ASN A 386 28.18 -11.73 9.24
C ASN A 386 29.09 -11.72 8.04
N THR A 387 30.37 -11.53 8.32
CA THR A 387 31.31 -11.21 7.29
C THR A 387 32.31 -12.34 7.13
N GLU A 388 31.99 -13.51 7.67
CA GLU A 388 32.99 -14.54 7.81
C GLU A 388 33.33 -15.19 6.47
N GLU A 389 32.38 -15.13 5.55
CA GLU A 389 32.54 -15.81 4.26
C GLU A 389 33.02 -14.87 3.16
N GLY A 390 32.37 -13.72 2.99
CA GLY A 390 32.80 -12.73 2.02
C GLY A 390 33.98 -11.86 2.43
N GLY A 391 34.47 -12.02 3.65
CA GLY A 391 35.60 -11.21 4.14
C GLY A 391 35.00 -9.98 4.79
N SER A 392 35.78 -9.29 5.61
CA SER A 392 35.27 -8.21 6.48
C SER A 392 35.30 -6.84 5.81
N ILE A 393 34.58 -5.90 6.40
CA ILE A 393 34.27 -4.64 5.74
C ILE A 393 34.71 -3.49 6.63
N PRO A 394 35.76 -2.76 6.22
CA PRO A 394 36.18 -1.65 7.07
C PRO A 394 35.00 -0.77 7.45
N GLY A 395 34.87 -0.46 8.73
CA GLY A 395 33.70 0.27 9.24
C GLY A 395 32.51 -0.56 9.71
N LEU A 396 32.47 -1.86 9.44
CA LEU A 396 31.32 -2.64 9.87
C LEU A 396 31.73 -3.85 10.66
N ALA A 397 31.42 -3.87 11.95
CA ALA A 397 31.71 -5.04 12.77
C ALA A 397 30.84 -6.21 12.31
N GLY A 398 31.42 -7.40 12.21
CA GLY A 398 30.65 -8.58 11.78
C GLY A 398 29.62 -9.10 12.79
N LYS A 399 29.75 -8.71 14.04
CA LYS A 399 28.87 -9.22 15.10
C LYS A 399 28.40 -8.14 16.07
N ASN A 400 27.26 -8.42 16.69
CA ASN A 400 26.63 -7.57 17.69
C ASN A 400 26.48 -6.13 17.27
N ARG A 401 26.29 -5.91 15.97
CA ARG A 401 25.97 -4.58 15.46
C ARG A 401 24.66 -4.12 16.04
N SER A 402 24.45 -2.80 16.03
CA SER A 402 23.37 -2.20 16.78
C SER A 402 22.02 -2.67 16.22
N SER A 403 21.03 -2.76 17.11
CA SER A 403 19.64 -3.04 16.72
C SER A 403 18.88 -1.78 16.32
N SER A 404 19.43 -0.61 16.56
CA SER A 404 18.63 0.59 16.55
C SER A 404 18.80 1.41 15.29
N SER A 405 17.71 1.98 14.76
CA SER A 405 17.86 3.10 13.87
C SER A 405 16.64 3.96 14.07
N SER A 406 16.72 5.19 13.59
CA SER A 406 15.68 6.19 13.82
C SER A 406 15.87 7.31 12.81
N ALA A 407 14.81 8.08 12.63
CA ALA A 407 14.86 9.27 11.83
C ALA A 407 13.77 10.20 12.31
N ARG A 408 13.99 11.47 12.14
CA ARG A 408 12.98 12.46 12.51
C ARG A 408 12.83 13.43 11.33
N ILE A 409 11.61 13.74 10.94
CA ILE A 409 11.37 14.85 10.03
C ILE A 409 10.56 15.96 10.70
N PHE A 410 11.10 17.18 10.64
CA PHE A 410 10.34 18.40 10.96
C PHE A 410 9.91 19.10 9.67
N SER A 411 8.70 19.64 9.69
CA SER A 411 8.02 20.07 8.49
C SER A 411 7.21 21.34 8.74
N LEU A 412 7.37 22.31 7.84
CA LEU A 412 6.55 23.53 7.81
C LEU A 412 5.86 23.58 6.46
N PHE A 413 4.61 24.04 6.46
CA PHE A 413 3.85 24.11 5.20
C PHE A 413 2.76 25.17 5.22
N ALA A 414 2.50 25.77 4.05
CA ALA A 414 1.43 26.72 3.87
C ALA A 414 0.78 26.52 2.48
N GLU A 415 -0.53 26.75 2.44
CA GLU A 415 -1.28 26.57 1.21
C GLU A 415 -2.22 27.74 1.10
N ASP A 416 -2.17 28.44 -0.03
CA ASP A 416 -3.24 29.35 -0.40
C ASP A 416 -4.10 28.77 -1.51
N ASN A 417 -5.39 28.69 -1.23
CA ASN A 417 -6.37 28.22 -2.20
C ASN A 417 -7.14 29.43 -2.72
N ILE A 418 -6.67 29.96 -3.84
CA ILE A 418 -7.19 31.21 -4.36
C ILE A 418 -8.43 30.99 -5.21
N GLU A 419 -9.40 31.90 -5.08
CA GLU A 419 -10.44 32.04 -6.08
C GLU A 419 -10.11 33.24 -6.97
N LEU A 420 -9.91 32.98 -8.27
CA LEU A 420 -9.54 34.01 -9.24
C LEU A 420 -10.79 34.60 -9.89
N MET A 421 -11.67 33.72 -10.36
CA MET A 421 -13.06 34.07 -10.63
C MET A 421 -13.97 32.90 -10.25
N PRO A 422 -15.30 33.15 -10.19
CA PRO A 422 -16.22 32.03 -10.05
C PRO A 422 -15.83 30.89 -11.00
N GLY A 423 -15.70 29.67 -10.47
CA GLY A 423 -15.37 28.49 -11.28
C GLY A 423 -13.89 28.10 -11.30
N THR A 424 -13.03 29.02 -10.88
CA THR A 424 -11.59 28.90 -11.08
C THR A 424 -10.82 29.02 -9.74
N MET A 425 -10.08 27.97 -9.36
CA MET A 425 -9.16 28.04 -8.19
C MET A 425 -7.73 27.79 -8.60
N LEU A 426 -6.85 28.65 -8.12
CA LEU A 426 -5.41 28.44 -8.16
C LEU A 426 -4.89 28.18 -6.73
N THR A 427 -4.11 27.12 -6.56
CA THR A 427 -3.72 26.64 -5.25
C THR A 427 -2.24 26.37 -5.25
N PRO A 428 -1.44 27.38 -4.83
CA PRO A 428 -0.02 27.17 -4.53
C PRO A 428 0.20 26.81 -3.08
N GLY A 429 1.16 25.93 -2.85
CA GLY A 429 1.69 25.71 -1.51
C GLY A 429 3.17 25.33 -1.53
N LEU A 430 3.85 25.57 -0.42
CA LEU A 430 5.20 25.16 -0.25
C LEU A 430 5.24 24.29 0.96
N ARG A 431 5.88 23.13 0.82
CA ARG A 431 6.26 22.30 1.97
C ARG A 431 7.77 22.26 2.10
N TRP A 432 8.24 22.45 3.32
CA TRP A 432 9.65 22.31 3.68
C TRP A 432 9.78 21.21 4.74
N ASP A 433 10.74 20.31 4.55
CA ASP A 433 10.95 19.22 5.47
C ASP A 433 12.43 19.21 5.88
N HIS A 434 12.71 19.12 7.17
CA HIS A 434 14.06 18.82 7.66
C HIS A 434 14.11 17.38 8.16
N HIS A 435 14.82 16.55 7.40
CA HIS A 435 15.19 15.20 7.82
C HIS A 435 16.52 15.29 8.51
N ASP A 436 16.58 14.67 9.68
CA ASP A 436 17.72 14.84 10.57
C ASP A 436 19.02 14.24 10.05
N ILE A 437 18.93 13.31 9.12
CA ILE A 437 20.10 12.74 8.46
C ILE A 437 20.24 13.24 7.02
N VAL A 438 19.16 13.15 6.26
CA VAL A 438 19.22 13.36 4.84
C VAL A 438 19.36 14.84 4.49
N GLY A 439 18.82 15.70 5.35
CA GLY A 439 18.94 17.12 5.18
C GLY A 439 17.61 17.77 4.82
N ASP A 440 17.68 18.87 4.10
CA ASP A 440 16.53 19.71 3.89
C ASP A 440 15.90 19.35 2.59
N ASN A 441 14.56 19.28 2.56
CA ASN A 441 13.82 19.12 1.31
C ASN A 441 12.83 20.26 1.07
N TRP A 442 12.76 20.72 -0.17
CA TRP A 442 11.73 21.68 -0.61
C TRP A 442 10.78 21.05 -1.63
N SER A 443 9.54 20.84 -1.21
CA SER A 443 8.46 20.33 -2.10
C SER A 443 7.40 21.42 -2.35
N PRO A 444 7.59 22.20 -3.46
CA PRO A 444 6.58 23.18 -3.91
C PRO A 444 5.44 22.49 -4.63
N SER A 445 4.32 23.18 -4.78
CA SER A 445 3.19 22.67 -5.57
C SER A 445 2.30 23.78 -6.13
N LEU A 446 1.58 23.41 -7.20
CA LEU A 446 0.57 24.27 -7.82
C LEU A 446 -0.57 23.44 -8.42
N ASN A 447 -1.79 23.75 -7.99
CA ASN A 447 -2.95 23.07 -8.52
C ASN A 447 -4.02 24.05 -9.04
N LEU A 448 -4.38 23.84 -10.30
CA LEU A 448 -5.33 24.69 -11.03
C LEU A 448 -6.56 23.84 -11.40
N SER A 449 -7.74 24.42 -11.17
CA SER A 449 -8.98 23.89 -11.75
C SER A 449 -9.81 25.02 -12.39
N HIS A 450 -10.39 24.75 -13.55
CA HIS A 450 -10.93 25.81 -14.44
C HIS A 450 -12.25 25.40 -15.10
N ALA A 451 -13.34 26.02 -14.66
CA ALA A 451 -14.59 25.94 -15.39
C ALA A 451 -14.36 26.58 -16.77
N LEU A 452 -14.43 25.75 -17.80
CA LEU A 452 -14.52 26.25 -19.17
C LEU A 452 -15.97 26.44 -19.53
N THR A 453 -16.81 25.53 -19.06
CA THR A 453 -18.25 25.64 -19.21
C THR A 453 -18.77 25.21 -17.85
N GLU A 454 -20.03 25.54 -17.58
CA GLU A 454 -20.71 24.98 -16.43
C GLU A 454 -20.58 23.47 -16.44
N ARG A 455 -20.49 22.84 -17.61
CA ARG A 455 -20.39 21.40 -17.66
C ARG A 455 -19.02 20.82 -17.83
N VAL A 456 -18.01 21.65 -18.02
CA VAL A 456 -16.69 21.16 -18.31
C VAL A 456 -15.71 21.88 -17.44
N THR A 457 -14.74 21.14 -16.94
CA THR A 457 -13.72 21.63 -16.06
C THR A 457 -12.38 21.08 -16.52
N LEU A 458 -11.40 21.97 -16.61
CA LEU A 458 -10.02 21.60 -16.91
C LEU A 458 -9.23 21.61 -15.60
N LYS A 459 -8.40 20.60 -15.39
CA LYS A 459 -7.53 20.58 -14.22
C LYS A 459 -6.08 20.35 -14.64
N ALA A 460 -5.19 21.07 -13.98
CA ALA A 460 -3.76 20.89 -14.19
C ALA A 460 -3.03 20.97 -12.85
N GLY A 461 -1.96 20.21 -12.71
CA GLY A 461 -1.21 20.14 -11.47
C GLY A 461 0.26 19.82 -11.76
N ILE A 462 1.17 20.47 -11.05
CA ILE A 462 2.57 20.12 -11.13
C ILE A 462 3.18 20.34 -9.76
N ALA A 463 3.67 19.27 -9.16
CA ALA A 463 4.32 19.37 -7.84
C ALA A 463 5.58 18.52 -7.82
N ARG A 464 6.41 18.73 -6.78
CA ARG A 464 7.58 17.90 -6.55
C ARG A 464 7.35 17.20 -5.20
N ALA A 465 7.16 15.87 -5.24
CA ALA A 465 6.86 15.14 -4.02
C ALA A 465 8.14 14.57 -3.44
N TYR A 466 8.01 13.99 -2.24
CA TYR A 466 9.17 13.78 -1.39
C TYR A 466 9.15 12.34 -0.90
N LYS A 467 10.28 11.64 -0.98
CA LYS A 467 10.41 10.34 -0.29
C LYS A 467 11.69 10.17 0.53
N ALA A 468 11.58 10.12 1.85
CA ALA A 468 12.77 9.98 2.67
C ALA A 468 13.15 8.52 2.72
N PRO A 469 14.44 8.20 2.52
CA PRO A 469 14.82 6.80 2.43
C PRO A 469 14.27 6.07 3.66
N ASN A 470 13.92 4.79 3.53
CA ASN A 470 13.47 4.06 4.72
C ASN A 470 14.70 3.69 5.57
N LEU A 471 14.45 3.28 6.81
CA LEU A 471 15.51 3.02 7.76
C LEU A 471 16.43 1.86 7.40
N TYR A 472 15.96 0.98 6.54
CA TYR A 472 16.84 -0.07 6.05
C TYR A 472 17.80 0.46 4.99
N GLN A 473 17.31 1.23 4.02
CA GLN A 473 18.18 1.77 2.99
C GLN A 473 19.26 2.63 3.59
N LEU A 474 18.92 3.32 4.68
CA LEU A 474 19.74 4.38 5.24
C LEU A 474 20.85 3.88 6.15
N ASN A 475 20.82 2.60 6.52
CA ASN A 475 21.61 2.13 7.67
C ASN A 475 22.86 1.36 7.29
N PRO A 476 24.05 1.94 7.52
CA PRO A 476 25.28 1.24 7.14
C PRO A 476 25.51 -0.09 7.87
N ASP A 477 24.75 -0.33 8.93
CA ASP A 477 24.80 -1.59 9.65
C ASP A 477 23.92 -2.71 9.02
N TYR A 478 23.09 -2.35 8.04
CA TYR A 478 22.20 -3.32 7.39
C TYR A 478 22.89 -3.91 6.17
N LEU A 479 22.99 -5.24 6.18
CA LEU A 479 23.94 -5.90 5.31
C LEU A 479 23.38 -7.21 4.81
N LEU A 480 23.38 -7.33 3.50
CA LEU A 480 22.93 -8.53 2.82
C LEU A 480 24.09 -9.08 2.05
N TYR A 481 24.05 -10.38 1.73
CA TYR A 481 25.16 -11.05 1.12
C TYR A 481 24.70 -12.05 0.08
N SER A 482 25.49 -12.20 -0.95
CA SER A 482 25.27 -13.23 -1.92
C SER A 482 26.58 -13.75 -2.41
N ARG A 483 26.55 -15.04 -2.73
CA ARG A 483 27.69 -15.77 -3.30
C ARG A 483 27.96 -15.39 -4.76
N GLY A 484 27.03 -14.70 -5.39
CA GLY A 484 27.21 -14.34 -6.78
C GLY A 484 25.90 -14.17 -7.51
N GLN A 485 24.99 -15.11 -7.28
CA GLN A 485 23.72 -15.19 -7.97
C GLN A 485 22.98 -13.86 -8.05
N GLY A 486 23.04 -13.14 -6.94
CA GLY A 486 22.33 -11.88 -6.83
C GLY A 486 23.15 -10.62 -7.03
N CYS A 487 24.34 -10.76 -7.63
CA CYS A 487 25.27 -9.63 -7.71
C CYS A 487 25.28 -8.99 -9.10
N TYR A 488 25.13 -7.66 -9.15
CA TYR A 488 25.01 -6.97 -10.41
C TYR A 488 26.36 -6.90 -11.12
N GLY A 489 26.44 -7.47 -12.32
CA GLY A 489 27.56 -7.26 -13.21
C GLY A 489 28.73 -8.21 -13.00
N GLN A 490 28.45 -9.38 -12.46
CA GLN A 490 29.49 -10.34 -12.02
C GLN A 490 28.88 -11.60 -11.35
N SER A 491 29.67 -12.66 -11.25
CA SER A 491 29.25 -13.89 -10.56
C SER A 491 29.95 -14.13 -9.22
N THR A 492 30.90 -13.26 -8.87
CA THR A 492 31.57 -13.29 -7.56
C THR A 492 30.63 -12.89 -6.42
N SER A 493 30.96 -13.36 -5.22
CA SER A 493 30.32 -12.94 -3.99
C SER A 493 30.26 -11.43 -3.88
N CYS A 494 29.18 -10.95 -3.24
CA CYS A 494 29.07 -9.55 -2.95
C CYS A 494 28.20 -9.26 -1.75
N TYR A 495 28.41 -8.08 -1.19
CA TYR A 495 27.64 -7.56 -0.08
C TYR A 495 26.81 -6.40 -0.59
N LEU A 496 25.63 -6.21 -0.01
CA LEU A 496 24.88 -4.96 -0.16
C LEU A 496 24.73 -4.31 1.17
N ARG A 497 24.96 -3.02 1.18
CA ARG A 497 25.08 -2.28 2.42
C ARG A 497 24.27 -1.01 2.40
N GLY A 498 23.64 -0.69 3.53
CA GLY A 498 22.93 0.57 3.68
C GLY A 498 23.87 1.75 3.72
N ASN A 499 23.32 2.92 3.51
CA ASN A 499 24.09 4.06 3.03
C ASN A 499 23.46 5.33 3.57
N ASP A 500 24.06 5.87 4.63
CA ASP A 500 23.54 7.07 5.29
C ASP A 500 23.87 8.35 4.52
N GLY A 501 24.52 8.19 3.35
CA GLY A 501 24.81 9.34 2.49
C GLY A 501 23.69 9.64 1.49
N LEU A 502 22.61 8.87 1.56
CA LEU A 502 21.61 8.83 0.51
C LEU A 502 20.90 10.15 0.39
N LYS A 503 20.48 10.46 -0.83
CA LYS A 503 19.52 11.54 -1.05
C LYS A 503 18.11 10.98 -0.96
N ALA A 504 17.17 11.84 -0.57
CA ALA A 504 15.74 11.56 -0.72
C ALA A 504 15.37 11.32 -2.18
N GLU A 505 14.33 10.52 -2.43
CA GLU A 505 13.73 10.43 -3.77
C GLU A 505 12.80 11.60 -3.89
N THR A 506 12.86 12.26 -5.03
CA THR A 506 11.88 13.27 -5.37
C THR A 506 11.27 12.91 -6.73
N SER A 507 10.10 13.51 -6.99
CA SER A 507 9.36 13.26 -8.22
C SER A 507 8.58 14.51 -8.57
N VAL A 508 8.74 14.95 -9.82
CA VAL A 508 7.93 16.01 -10.36
C VAL A 508 6.69 15.42 -11.02
N ASN A 509 5.62 15.32 -10.23
CA ASN A 509 4.39 14.74 -10.71
C ASN A 509 3.56 15.77 -11.48
N LYS A 510 3.52 15.64 -12.81
CA LYS A 510 2.60 16.46 -13.63
C LYS A 510 1.28 15.72 -13.88
N GLU A 511 0.19 16.48 -14.00
CA GLU A 511 -1.10 15.96 -14.50
C GLU A 511 -1.92 17.04 -15.26
N LEU A 512 -2.50 16.64 -16.37
CA LEU A 512 -3.41 17.51 -17.12
C LEU A 512 -4.68 16.73 -17.43
N GLY A 513 -5.83 17.25 -17.02
CA GLY A 513 -7.06 16.49 -17.16
C GLY A 513 -8.27 17.33 -17.56
N ILE A 514 -9.23 16.70 -18.25
CA ILE A 514 -10.52 17.34 -18.57
C ILE A 514 -11.76 16.47 -18.21
N GLU A 515 -12.78 17.11 -17.65
CA GLU A 515 -13.98 16.37 -17.24
C GLU A 515 -15.30 17.12 -17.53
N TYR A 516 -16.20 16.41 -18.22
CA TYR A 516 -17.58 16.83 -18.45
C TYR A 516 -18.42 16.22 -17.32
N SER A 517 -19.27 17.04 -16.73
CA SER A 517 -20.12 16.58 -15.65
C SER A 517 -21.41 17.39 -15.59
N HIS A 518 -22.55 16.71 -15.73
CA HIS A 518 -23.82 17.38 -15.79
C HIS A 518 -24.96 16.36 -15.72
N ASP A 519 -25.80 16.49 -14.71
CA ASP A 519 -26.97 15.62 -14.52
C ASP A 519 -26.55 14.15 -14.40
N GLY A 520 -25.56 13.87 -13.57
CA GLY A 520 -25.07 12.50 -13.40
C GLY A 520 -24.40 11.87 -14.61
N LEU A 521 -24.31 12.61 -15.69
CA LEU A 521 -23.43 12.23 -16.77
C LEU A 521 -22.04 12.72 -16.39
N VAL A 522 -21.09 11.79 -16.25
CA VAL A 522 -19.71 12.17 -16.07
C VAL A 522 -18.79 11.48 -17.08
N ALA A 523 -17.93 12.26 -17.71
CA ALA A 523 -16.94 11.73 -18.66
C ALA A 523 -15.66 12.54 -18.58
N GLY A 524 -14.58 11.86 -18.23
CA GLY A 524 -13.28 12.51 -17.98
C GLY A 524 -12.09 11.68 -18.39
N LEU A 525 -11.01 12.37 -18.75
CA LEU A 525 -9.75 11.73 -19.13
C LEU A 525 -8.58 12.57 -18.63
N THR A 526 -7.67 11.93 -17.90
CA THR A 526 -6.51 12.62 -17.36
C THR A 526 -5.22 11.94 -17.85
N TYR A 527 -4.26 12.75 -18.24
CA TYR A 527 -2.90 12.31 -18.53
C TYR A 527 -2.01 12.70 -17.37
N PHE A 528 -1.14 11.77 -16.97
CA PHE A 528 -0.23 12.01 -15.84
C PHE A 528 1.18 11.59 -16.20
N ARG A 529 2.16 12.40 -15.79
CA ARG A 529 3.55 11.96 -15.90
C ARG A 529 4.28 12.35 -14.63
N ASN A 530 4.96 11.38 -14.04
CA ASN A 530 5.80 11.64 -12.86
C ASN A 530 7.24 11.39 -13.28
N ASP A 531 8.07 12.43 -13.20
CA ASP A 531 9.50 12.28 -13.42
C ASP A 531 10.14 12.04 -12.08
N TYR A 532 10.88 10.93 -12.01
CA TYR A 532 11.20 10.29 -10.75
C TYR A 532 12.74 10.32 -10.57
N LYS A 533 13.20 11.13 -9.61
CA LYS A 533 14.63 11.47 -9.49
C LYS A 533 15.20 10.83 -8.20
N ASN A 534 16.30 10.09 -8.37
CA ASN A 534 16.97 9.47 -7.24
C ASN A 534 16.12 8.36 -6.61
N LYS A 535 15.31 7.68 -7.41
CA LYS A 535 14.75 6.42 -6.92
C LYS A 535 15.85 5.57 -6.29
N ILE A 536 15.61 5.13 -5.06
CA ILE A 536 16.58 4.36 -4.27
C ILE A 536 16.45 2.86 -4.52
N GLU A 537 17.56 2.20 -4.84
CA GLU A 537 17.51 0.83 -5.32
C GLU A 537 18.87 0.21 -4.95
N SER A 538 19.00 -1.11 -5.02
CA SER A 538 20.30 -1.70 -4.75
C SER A 538 21.22 -1.25 -5.87
N GLY A 539 22.47 -1.01 -5.55
CA GLY A 539 23.43 -0.46 -6.49
C GLY A 539 23.91 -1.42 -7.55
N LEU A 540 24.56 -0.85 -8.56
CA LEU A 540 25.01 -1.59 -9.76
C LEU A 540 26.53 -1.84 -9.83
N SER A 541 27.31 -0.89 -9.30
CA SER A 541 28.78 -0.96 -9.26
C SER A 541 29.31 -1.16 -7.84
N PRO A 542 30.36 -1.98 -7.71
CA PRO A 542 30.96 -2.07 -6.39
C PRO A 542 31.58 -0.74 -6.03
N VAL A 543 31.40 -0.29 -4.79
CA VAL A 543 32.16 0.87 -4.29
C VAL A 543 33.49 0.46 -3.66
N ASP A 544 33.67 -0.83 -3.38
CA ASP A 544 34.81 -1.30 -2.58
C ASP A 544 34.85 -2.82 -2.62
N HIS A 545 35.88 -3.42 -2.02
CA HIS A 545 35.93 -4.87 -1.85
C HIS A 545 36.34 -5.21 -0.42
N ALA A 546 35.64 -6.15 0.18
CA ALA A 546 35.98 -6.60 1.53
C ALA A 546 37.30 -7.35 1.45
N SER A 547 37.79 -7.81 2.61
CA SER A 547 39.00 -8.63 2.61
C SER A 547 38.89 -9.82 3.57
N GLY A 548 39.25 -10.98 3.04
CA GLY A 548 39.34 -12.18 3.85
C GLY A 548 38.17 -13.06 3.54
N GLY A 549 37.88 -13.99 4.43
CA GLY A 549 36.78 -14.92 4.22
C GLY A 549 37.24 -16.20 3.55
N LYS A 550 36.30 -16.96 3.00
CA LYS A 550 36.52 -18.35 2.67
C LYS A 550 36.52 -18.65 1.17
N GLY A 551 37.63 -19.17 0.65
CA GLY A 551 37.70 -19.74 -0.68
C GLY A 551 37.48 -18.72 -1.77
N ASP A 552 36.79 -19.14 -2.81
CA ASP A 552 36.52 -18.27 -3.98
C ASP A 552 35.53 -17.18 -3.64
N TYR A 553 34.85 -17.31 -2.50
CA TYR A 553 33.92 -16.27 -1.98
C TYR A 553 34.66 -15.11 -1.24
N ALA A 554 35.94 -15.32 -0.97
CA ALA A 554 36.72 -14.34 -0.24
C ALA A 554 36.78 -12.99 -0.98
N ASN A 555 37.03 -11.94 -0.22
CA ASN A 555 37.26 -10.59 -0.74
C ASN A 555 36.10 -10.07 -1.59
N ALA A 556 34.87 -10.33 -1.14
CA ALA A 556 33.69 -10.06 -1.94
C ALA A 556 33.56 -8.59 -2.28
N ALA A 557 32.81 -8.31 -3.34
CA ALA A 557 32.54 -6.93 -3.71
C ALA A 557 31.53 -6.31 -2.76
N ILE A 558 31.62 -4.99 -2.58
CA ILE A 558 30.69 -4.24 -1.73
C ILE A 558 29.89 -3.26 -2.59
N TYR A 559 28.57 -3.46 -2.62
CA TYR A 559 27.65 -2.49 -3.20
C TYR A 559 26.89 -1.77 -2.09
N GLN A 560 26.42 -0.56 -2.38
CA GLN A 560 25.45 0.08 -1.50
C GLN A 560 24.10 0.32 -2.13
N TRP A 561 23.14 0.66 -1.29
CA TRP A 561 21.91 1.25 -1.73
C TRP A 561 22.25 2.60 -2.36
N GLU A 562 21.84 2.78 -3.62
CA GLU A 562 22.18 3.98 -4.41
C GLU A 562 20.95 4.70 -4.98
N ASN A 563 21.00 6.02 -5.05
CA ASN A 563 20.04 6.83 -5.79
C ASN A 563 20.19 6.63 -7.32
N VAL A 564 19.08 6.33 -7.99
CA VAL A 564 19.08 6.23 -9.45
C VAL A 564 18.64 7.56 -10.07
N PRO A 565 19.46 8.11 -11.01
CA PRO A 565 19.31 9.52 -11.41
C PRO A 565 17.91 9.82 -11.91
N LYS A 566 17.46 9.05 -12.91
CA LYS A 566 16.15 9.28 -13.52
C LYS A 566 15.32 8.00 -13.68
N ALA A 567 14.05 8.11 -13.33
CA ALA A 567 13.01 7.16 -13.81
C ALA A 567 11.68 7.90 -14.14
N VAL A 568 10.82 7.25 -14.94
CA VAL A 568 9.57 7.86 -15.38
C VAL A 568 8.39 6.88 -15.36
N VAL A 569 7.28 7.38 -14.82
CA VAL A 569 5.98 6.81 -15.17
C VAL A 569 5.00 7.79 -15.77
N GLU A 570 4.11 7.23 -16.57
CA GLU A 570 3.29 7.93 -17.49
C GLU A 570 2.06 7.07 -17.72
N GLY A 571 0.92 7.70 -17.85
CA GLY A 571 -0.28 6.98 -18.28
C GLY A 571 -1.54 7.81 -18.31
N LEU A 572 -2.68 7.15 -18.25
CA LEU A 572 -3.96 7.81 -18.41
C LEU A 572 -4.92 7.30 -17.42
N GLU A 573 -5.78 8.19 -16.94
CA GLU A 573 -6.90 7.85 -16.07
C GLU A 573 -8.14 8.32 -16.75
N GLY A 574 -9.15 7.46 -16.78
CA GLY A 574 -10.43 7.80 -17.38
C GLY A 574 -11.61 7.37 -16.55
N THR A 575 -12.71 8.08 -16.71
CA THR A 575 -13.93 7.72 -16.01
C THR A 575 -15.07 8.01 -16.97
N LEU A 576 -16.14 7.22 -16.92
CA LEU A 576 -17.36 7.50 -17.69
C LEU A 576 -18.61 7.03 -16.92
N THR A 577 -19.54 7.93 -16.62
CA THR A 577 -20.75 7.52 -15.94
C THR A 577 -22.01 7.97 -16.67
N LEU A 578 -22.82 7.00 -17.07
CA LEU A 578 -24.06 7.25 -17.80
C LEU A 578 -25.23 6.79 -16.96
N PRO A 579 -26.19 7.69 -16.66
CA PRO A 579 -27.46 7.27 -16.08
C PRO A 579 -28.45 6.80 -17.13
N LEU A 580 -28.55 5.47 -17.31
CA LEU A 580 -29.30 4.91 -18.40
C LEU A 580 -30.79 5.24 -18.26
N ALA A 581 -31.32 5.03 -17.05
CA ALA A 581 -32.65 5.52 -16.64
C ALA A 581 -32.54 5.91 -15.19
N ASP A 582 -33.65 6.20 -14.54
CA ASP A 582 -33.63 6.66 -13.15
C ASP A 582 -33.12 5.56 -12.22
N GLY A 583 -33.68 4.37 -12.37
CA GLY A 583 -33.26 3.27 -11.55
C GLY A 583 -31.90 2.66 -11.84
N LEU A 584 -31.12 3.24 -12.75
CA LEU A 584 -30.09 2.46 -13.42
C LEU A 584 -28.86 3.26 -13.81
N LYS A 585 -27.69 2.87 -13.32
CA LYS A 585 -26.49 3.67 -13.48
C LYS A 585 -25.33 2.81 -13.95
N TRP A 586 -24.67 3.25 -15.02
CA TRP A 586 -23.50 2.57 -15.57
C TRP A 586 -22.23 3.38 -15.32
N SER A 587 -21.29 2.81 -14.59
CA SER A 587 -20.04 3.48 -14.19
C SER A 587 -18.82 2.76 -14.75
N ASN A 588 -17.78 3.50 -15.06
CA ASN A 588 -16.53 2.90 -15.47
C ASN A 588 -15.38 3.74 -15.02
N ASN A 589 -14.33 3.07 -14.51
CA ASN A 589 -13.03 3.70 -14.30
C ASN A 589 -11.93 3.01 -15.10
N LEU A 590 -11.07 3.81 -15.72
CA LEU A 590 -9.98 3.29 -16.57
C LEU A 590 -8.58 3.74 -16.11
N THR A 591 -7.69 2.78 -15.94
CA THR A 591 -6.27 3.09 -15.89
C THR A 591 -5.62 2.55 -17.17
N TYR A 592 -4.76 3.35 -17.78
CA TYR A 592 -3.91 2.87 -18.86
C TYR A 592 -2.46 3.27 -18.60
N MET A 593 -1.58 2.29 -18.38
CA MET A 593 -0.19 2.56 -18.05
C MET A 593 0.72 2.63 -19.28
N LEU A 594 1.16 3.83 -19.63
CA LEU A 594 1.89 4.03 -20.87
C LEU A 594 3.34 3.61 -20.71
N GLN A 595 3.94 4.02 -19.60
CA GLN A 595 5.33 3.71 -19.36
C GLN A 595 5.67 3.59 -17.90
N SER A 596 6.71 2.80 -17.64
CA SER A 596 7.34 2.61 -16.34
C SER A 596 8.79 2.22 -16.55
N LYS A 597 9.72 3.16 -16.35
CA LYS A 597 11.08 2.92 -16.79
C LYS A 597 12.13 3.47 -15.84
N ASN A 598 12.90 2.56 -15.27
CA ASN A 598 14.21 2.89 -14.71
C ASN A 598 15.15 3.29 -15.86
N LYS A 599 15.49 4.58 -15.94
CA LYS A 599 16.09 5.14 -17.16
C LYS A 599 17.58 4.85 -17.22
N GLU A 600 18.14 4.44 -16.11
CA GLU A 600 19.51 3.94 -16.10
C GLU A 600 19.59 2.56 -16.77
N THR A 601 18.86 1.58 -16.23
CA THR A 601 18.97 0.18 -16.71
C THR A 601 17.97 -0.16 -17.82
N GLY A 602 16.89 0.62 -17.89
CA GLY A 602 15.87 0.45 -18.93
C GLY A 602 14.79 -0.57 -18.60
N ASP A 603 14.88 -1.19 -17.44
CA ASP A 603 13.90 -2.19 -17.04
C ASP A 603 12.70 -1.45 -16.48
N VAL A 604 11.61 -2.19 -16.28
CA VAL A 604 10.41 -1.72 -15.57
C VAL A 604 10.63 -1.43 -14.09
N LEU A 605 9.83 -0.52 -13.54
CA LEU A 605 9.83 -0.27 -12.08
C LEU A 605 8.96 -1.24 -11.32
N SER A 606 7.67 -1.23 -11.60
CA SER A 606 6.72 -2.19 -11.01
C SER A 606 6.28 -2.99 -12.20
N VAL A 607 5.50 -4.05 -11.99
CA VAL A 607 4.79 -4.70 -13.10
C VAL A 607 3.32 -4.44 -12.92
N THR A 608 2.68 -3.74 -13.85
CA THR A 608 1.24 -3.52 -13.79
C THR A 608 0.63 -4.07 -15.06
N PRO A 609 -0.70 -4.16 -15.06
CA PRO A 609 -1.44 -4.39 -16.26
C PRO A 609 -1.39 -3.22 -17.18
N ARG A 610 -1.33 -3.48 -18.49
CA ARG A 610 -1.28 -2.42 -19.46
C ARG A 610 -2.46 -1.44 -19.25
N TYR A 611 -3.65 -2.00 -18.98
CA TYR A 611 -4.79 -1.22 -18.60
C TYR A 611 -5.59 -1.99 -17.55
N THR A 612 -6.54 -1.27 -16.93
CA THR A 612 -7.53 -1.80 -16.06
C THR A 612 -8.81 -1.02 -16.25
N LEU A 613 -9.88 -1.71 -16.59
CA LEU A 613 -11.22 -1.12 -16.72
C LEU A 613 -12.13 -1.78 -15.71
N ASN A 614 -12.71 -1.00 -14.80
CA ASN A 614 -13.76 -1.49 -13.92
C ASN A 614 -15.09 -0.93 -14.35
N SER A 615 -16.09 -1.80 -14.42
CA SER A 615 -17.41 -1.45 -14.85
C SER A 615 -18.45 -1.93 -13.82
N MET A 616 -19.24 -1.01 -13.29
CA MET A 616 -20.43 -1.41 -12.55
C MET A 616 -21.72 -1.00 -13.27
N LEU A 617 -22.69 -1.89 -13.29
CA LEU A 617 -24.09 -1.53 -13.55
C LEU A 617 -24.81 -1.59 -12.21
N ASP A 618 -25.49 -0.51 -11.84
CA ASP A 618 -26.20 -0.44 -10.57
C ASP A 618 -27.69 -0.22 -10.83
N TRP A 619 -28.49 -1.25 -10.55
CA TRP A 619 -29.94 -1.21 -10.75
C TRP A 619 -30.60 -1.08 -9.38
N GLN A 620 -31.39 -0.02 -9.23
CA GLN A 620 -32.21 0.18 -8.05
C GLN A 620 -33.56 -0.53 -8.25
N ALA A 621 -33.53 -1.86 -8.29
CA ALA A 621 -34.66 -2.65 -8.77
C ALA A 621 -36.00 -2.31 -8.04
N THR A 622 -35.96 -2.10 -6.74
CA THR A 622 -37.10 -1.55 -5.99
C THR A 622 -36.61 -0.51 -4.99
N ASP A 623 -37.53 0.17 -4.33
CA ASP A 623 -37.14 1.01 -3.22
C ASP A 623 -36.27 0.23 -2.23
N ASP A 624 -36.51 -1.09 -2.14
CA ASP A 624 -35.84 -1.94 -1.15
C ASP A 624 -34.77 -2.89 -1.72
N LEU A 625 -34.81 -3.20 -3.02
CA LEU A 625 -33.84 -4.09 -3.62
C LEU A 625 -32.89 -3.24 -4.44
N SER A 626 -31.61 -3.60 -4.37
CA SER A 626 -30.60 -3.08 -5.30
C SER A 626 -29.72 -4.21 -5.81
N LEU A 627 -29.31 -4.07 -7.06
CA LEU A 627 -28.58 -5.13 -7.74
C LEU A 627 -27.38 -4.57 -8.44
N GLN A 628 -26.27 -5.29 -8.37
CA GLN A 628 -25.03 -4.78 -8.96
C GLN A 628 -24.36 -5.88 -9.79
N ALA A 629 -24.07 -5.55 -11.06
CA ALA A 629 -23.20 -6.38 -11.87
C ALA A 629 -21.89 -5.65 -12.16
N THR A 630 -20.78 -6.36 -12.08
CA THR A 630 -19.49 -5.74 -12.28
C THR A 630 -18.59 -6.53 -13.21
N VAL A 631 -17.76 -5.81 -13.94
CA VAL A 631 -16.65 -6.43 -14.65
C VAL A 631 -15.38 -5.59 -14.52
N THR A 632 -14.28 -6.31 -14.24
CA THR A 632 -12.94 -5.81 -14.41
C THR A 632 -12.18 -6.51 -15.54
N TRP A 633 -11.65 -5.72 -16.48
CA TRP A 633 -10.79 -6.21 -17.52
C TRP A 633 -9.36 -5.76 -17.21
N TYR A 634 -8.47 -6.71 -17.16
CA TYR A 634 -7.05 -6.46 -17.01
C TYR A 634 -6.34 -6.70 -18.33
N GLY A 635 -5.54 -5.71 -18.75
CA GLY A 635 -4.62 -5.88 -19.84
C GLY A 635 -3.44 -6.83 -19.56
N LYS A 636 -2.66 -7.05 -20.62
CA LYS A 636 -1.44 -7.81 -20.56
C LYS A 636 -0.51 -7.37 -19.43
N GLN A 637 0.33 -8.29 -18.95
CA GLN A 637 1.33 -7.98 -17.93
C GLN A 637 2.67 -8.57 -18.42
N LYS A 638 3.73 -7.75 -18.43
CA LYS A 638 5.07 -8.16 -18.88
C LYS A 638 6.05 -8.20 -17.70
N PRO A 639 6.90 -9.23 -17.62
CA PRO A 639 7.92 -9.25 -16.57
C PRO A 639 9.15 -8.41 -16.92
N LYS A 640 10.03 -8.22 -15.94
CA LYS A 640 11.31 -7.56 -16.17
C LYS A 640 12.11 -8.25 -17.26
N LYS A 641 12.92 -7.48 -18.00
CA LYS A 641 13.86 -8.02 -19.00
C LYS A 641 15.19 -8.52 -18.44
N TYR A 642 15.62 -8.00 -17.30
CA TYR A 642 17.01 -8.25 -16.86
C TYR A 642 17.01 -8.87 -15.49
N ASP A 643 17.95 -9.78 -15.28
CA ASP A 643 18.08 -10.47 -13.99
C ASP A 643 18.92 -9.65 -13.04
N TYR A 644 19.33 -10.27 -11.94
CA TYR A 644 19.99 -9.56 -10.89
C TYR A 644 21.43 -9.26 -11.29
N HIS A 645 21.89 -9.94 -12.34
CA HIS A 645 23.24 -9.73 -12.88
C HIS A 645 23.28 -8.50 -13.77
N GLY A 646 22.09 -8.12 -14.25
CA GLY A 646 21.96 -7.15 -15.35
C GLY A 646 21.85 -7.83 -16.70
N ASP A 647 21.87 -9.16 -16.72
CA ASP A 647 21.77 -9.93 -17.97
C ASP A 647 20.33 -10.19 -18.41
N ARG A 648 20.14 -10.43 -19.71
CA ARG A 648 18.82 -10.65 -20.31
C ARG A 648 18.27 -12.02 -19.96
N VAL A 649 17.04 -12.09 -19.44
CA VAL A 649 16.47 -13.36 -19.02
C VAL A 649 16.00 -14.18 -20.22
N THR A 650 15.81 -15.49 -20.01
CA THR A 650 15.43 -16.41 -21.08
C THR A 650 14.44 -17.47 -20.59
N GLY A 651 13.88 -18.21 -21.55
CA GLY A 651 12.85 -19.22 -21.25
C GLY A 651 11.68 -18.63 -20.48
N SER A 652 11.18 -19.40 -19.51
CA SER A 652 9.91 -19.08 -18.84
C SER A 652 9.98 -17.82 -17.98
N ALA A 653 11.18 -17.25 -17.81
CA ALA A 653 11.30 -15.92 -17.18
C ALA A 653 10.73 -14.78 -18.05
N ASN A 654 10.42 -15.07 -19.32
CA ASN A 654 9.80 -14.08 -20.18
C ASN A 654 8.28 -14.18 -20.22
N ASP A 655 7.73 -15.21 -19.59
CA ASP A 655 6.32 -15.57 -19.75
C ASP A 655 5.43 -14.40 -19.42
N GLN A 656 4.40 -14.13 -20.23
CA GLN A 656 3.55 -12.95 -19.99
C GLN A 656 2.19 -13.44 -19.54
N LEU A 657 1.43 -12.57 -18.89
CA LEU A 657 0.04 -12.87 -18.57
C LEU A 657 -0.86 -12.20 -19.60
N SER A 658 -1.72 -13.01 -20.20
CA SER A 658 -2.66 -12.54 -21.18
C SER A 658 -3.69 -11.68 -20.49
N PRO A 659 -4.38 -10.79 -21.26
CA PRO A 659 -5.50 -10.06 -20.68
C PRO A 659 -6.57 -11.03 -20.23
N TYR A 660 -7.30 -10.64 -19.19
CA TYR A 660 -8.42 -11.42 -18.74
C TYR A 660 -9.41 -10.56 -18.01
N ALA A 661 -10.60 -11.09 -17.81
CA ALA A 661 -11.62 -10.34 -17.09
C ALA A 661 -12.21 -11.11 -15.91
N ILE A 662 -12.72 -10.38 -14.93
CA ILE A 662 -13.39 -10.95 -13.78
C ILE A 662 -14.74 -10.27 -13.61
N ALA A 663 -15.81 -11.04 -13.64
CA ALA A 663 -17.16 -10.52 -13.54
C ALA A 663 -17.78 -10.89 -12.23
N GLY A 664 -18.75 -10.10 -11.78
CA GLY A 664 -19.48 -10.40 -10.53
C GLY A 664 -20.91 -9.87 -10.52
N LEU A 665 -21.79 -10.61 -9.87
CA LEU A 665 -23.13 -10.12 -9.55
C LEU A 665 -23.29 -10.14 -8.08
N GLY A 666 -23.97 -9.12 -7.54
CA GLY A 666 -24.32 -9.10 -6.11
C GLY A 666 -25.58 -8.29 -5.89
N GLY A 667 -26.07 -8.26 -4.66
CA GLY A 667 -27.28 -7.52 -4.38
C GLY A 667 -27.37 -7.26 -2.90
N THR A 668 -28.22 -6.29 -2.55
CA THR A 668 -28.64 -6.06 -1.14
C THR A 668 -30.15 -5.92 -1.03
N TYR A 669 -30.77 -6.79 -0.24
CA TYR A 669 -32.21 -6.71 0.01
C TYR A 669 -32.48 -6.22 1.42
N ARG A 670 -32.96 -4.98 1.50
CA ARG A 670 -33.28 -4.37 2.77
C ARG A 670 -34.61 -4.92 3.31
N LEU A 671 -34.55 -5.59 4.48
CA LEU A 671 -35.74 -6.12 5.14
C LEU A 671 -36.41 -5.09 6.03
N SER A 672 -35.64 -4.16 6.58
CA SER A 672 -36.20 -2.98 7.26
C SER A 672 -35.13 -1.91 7.41
N LYS A 673 -35.48 -0.80 8.07
CA LYS A 673 -34.44 0.15 8.49
C LYS A 673 -33.34 -0.49 9.35
N ASN A 674 -33.66 -1.63 9.97
CA ASN A 674 -32.81 -2.23 10.98
C ASN A 674 -32.03 -3.44 10.49
N LEU A 675 -32.40 -3.95 9.33
CA LEU A 675 -31.85 -5.24 8.87
C LEU A 675 -31.74 -5.34 7.35
N SER A 676 -30.51 -5.47 6.84
CA SER A 676 -30.25 -5.68 5.41
C SER A 676 -29.50 -6.99 5.18
N LEU A 677 -29.78 -7.64 4.05
CA LEU A 677 -28.99 -8.79 3.67
C LEU A 677 -28.37 -8.58 2.32
N GLY A 678 -27.15 -9.12 2.19
CA GLY A 678 -26.39 -9.11 0.95
C GLY A 678 -26.06 -10.53 0.47
N ALA A 679 -25.82 -10.65 -0.82
CA ALA A 679 -25.36 -11.90 -1.41
C ALA A 679 -24.83 -11.63 -2.81
N GLY A 680 -23.88 -12.44 -3.24
CA GLY A 680 -23.37 -12.33 -4.59
C GLY A 680 -22.37 -13.39 -4.99
N VAL A 681 -21.80 -13.22 -6.17
CA VAL A 681 -20.69 -14.03 -6.64
C VAL A 681 -19.62 -13.13 -7.24
N ASP A 682 -18.42 -13.20 -6.67
CA ASP A 682 -17.24 -12.66 -7.31
C ASP A 682 -16.66 -13.68 -8.28
N ASN A 683 -16.06 -13.20 -9.38
CA ASN A 683 -15.54 -14.12 -10.43
C ASN A 683 -16.57 -15.16 -10.95
N LEU A 684 -17.71 -14.70 -11.41
CA LEU A 684 -18.77 -15.54 -11.98
C LEU A 684 -18.30 -16.69 -12.86
N PHE A 685 -17.43 -16.41 -13.82
CA PHE A 685 -16.97 -17.39 -14.81
C PHE A 685 -15.65 -18.12 -14.42
N ASP A 686 -15.26 -18.03 -13.17
CA ASP A 686 -14.13 -18.76 -12.63
C ASP A 686 -12.80 -18.57 -13.35
N LYS A 687 -12.45 -17.36 -13.75
CA LYS A 687 -11.11 -17.21 -14.30
C LYS A 687 -10.06 -17.25 -13.16
N ARG A 688 -9.14 -18.21 -13.23
CA ARG A 688 -8.16 -18.41 -12.15
C ARG A 688 -6.72 -18.31 -12.62
N LEU A 689 -5.86 -17.80 -11.77
CA LEU A 689 -4.45 -17.75 -12.06
C LEU A 689 -3.70 -18.19 -10.82
N PHE A 690 -2.44 -18.56 -11.03
CA PHE A 690 -1.64 -19.34 -10.10
C PHE A 690 -0.24 -18.81 -10.08
N ARG A 691 0.33 -18.64 -8.90
CA ARG A 691 1.69 -18.13 -8.77
C ARG A 691 2.61 -19.26 -9.17
N ALA A 692 3.48 -19.03 -10.14
CA ALA A 692 4.42 -20.07 -10.60
C ALA A 692 5.81 -19.90 -9.98
N GLY A 693 6.01 -18.79 -9.32
CA GLY A 693 7.33 -18.44 -8.84
C GLY A 693 7.62 -16.97 -8.93
N ASN A 694 8.89 -16.65 -8.79
CA ASN A 694 9.38 -15.30 -9.05
C ASN A 694 9.63 -15.15 -10.53
N ALA A 695 9.84 -13.89 -10.88
CA ALA A 695 10.06 -13.46 -12.25
C ALA A 695 11.17 -14.15 -13.00
N GLN A 696 12.30 -14.39 -12.34
CA GLN A 696 13.49 -14.86 -13.02
C GLN A 696 13.94 -16.24 -12.53
N GLY A 697 14.86 -16.83 -13.28
CA GLY A 697 15.44 -18.08 -12.87
C GLY A 697 16.59 -17.83 -11.90
N VAL A 698 16.72 -18.75 -10.95
CA VAL A 698 17.94 -19.02 -10.19
C VAL A 698 18.38 -20.47 -10.44
N VAL A 699 19.47 -20.91 -9.81
CA VAL A 699 19.85 -22.34 -9.85
C VAL A 699 18.77 -23.27 -9.27
N GLY A 700 18.27 -24.19 -10.10
CA GLY A 700 17.23 -25.14 -9.69
C GLY A 700 15.80 -24.62 -9.84
N ILE A 701 15.62 -23.30 -9.98
CA ILE A 701 14.28 -22.71 -10.08
C ILE A 701 14.14 -21.82 -11.30
N ASP A 702 13.58 -22.38 -12.36
CA ASP A 702 13.13 -21.58 -13.52
C ASP A 702 12.22 -20.46 -13.07
N GLY A 703 12.35 -19.31 -13.73
CA GLY A 703 11.47 -18.18 -13.51
C GLY A 703 10.03 -18.43 -13.92
N ALA A 704 9.17 -17.51 -13.49
CA ALA A 704 7.74 -17.56 -13.72
C ALA A 704 7.21 -16.30 -14.48
N GLY A 705 8.11 -15.36 -14.75
CA GLY A 705 7.79 -14.12 -15.45
C GLY A 705 6.74 -13.31 -14.71
N ALA A 706 5.67 -12.95 -15.40
CA ALA A 706 4.66 -12.18 -14.72
C ALA A 706 3.62 -13.02 -14.02
N ALA A 707 3.81 -14.34 -13.98
CA ALA A 707 2.83 -15.19 -13.29
C ALA A 707 3.24 -15.35 -11.82
N THR A 708 3.12 -14.26 -11.05
CA THR A 708 3.69 -14.18 -9.72
C THR A 708 2.66 -14.10 -8.59
N TYR A 709 1.37 -14.16 -8.95
CA TYR A 709 0.31 -14.04 -7.98
C TYR A 709 -0.82 -15.02 -8.27
N ASN A 710 -1.65 -15.23 -7.26
CA ASN A 710 -2.79 -16.10 -7.38
C ASN A 710 -4.07 -15.30 -7.51
N GLU A 711 -4.82 -15.56 -8.57
CA GLU A 711 -6.14 -14.93 -8.72
C GLU A 711 -7.17 -15.96 -8.30
N PRO A 712 -8.01 -15.63 -7.31
CA PRO A 712 -9.02 -16.57 -6.84
C PRO A 712 -10.14 -16.81 -7.84
N GLY A 713 -10.75 -17.99 -7.71
CA GLY A 713 -11.82 -18.46 -8.60
C GLY A 713 -13.15 -18.02 -8.06
N ARG A 714 -14.22 -18.51 -8.66
CA ARG A 714 -15.57 -18.23 -8.22
C ARG A 714 -15.67 -18.36 -6.70
N THR A 715 -16.46 -17.45 -6.13
CA THR A 715 -16.51 -17.26 -4.69
C THR A 715 -17.88 -16.63 -4.39
N PHE A 716 -18.76 -17.42 -3.76
CA PHE A 716 -20.09 -16.93 -3.39
C PHE A 716 -19.90 -16.25 -2.03
N TYR A 717 -20.76 -15.30 -1.69
CA TYR A 717 -20.66 -14.68 -0.39
C TYR A 717 -22.01 -14.23 0.06
N THR A 718 -22.18 -14.18 1.40
CA THR A 718 -23.40 -13.69 2.04
C THR A 718 -23.08 -12.66 3.12
N SER A 719 -24.05 -11.85 3.48
CA SER A 719 -23.77 -10.77 4.40
C SER A 719 -25.05 -10.33 5.07
N LEU A 720 -24.87 -9.73 6.24
CA LEU A 720 -25.98 -9.35 7.10
C LEU A 720 -25.59 -8.10 7.87
N THR A 721 -26.43 -7.07 7.86
CA THR A 721 -26.14 -5.84 8.62
C THR A 721 -27.37 -5.40 9.41
N ALA A 722 -27.26 -5.50 10.74
CA ALA A 722 -28.29 -4.98 11.65
C ALA A 722 -27.81 -3.68 12.32
N SER A 723 -28.66 -2.67 12.34
CA SER A 723 -28.25 -1.34 12.66
C SER A 723 -29.42 -0.53 13.16
N PHE A 724 -29.15 0.31 14.15
CA PHE A 724 -29.96 1.47 14.44
C PHE A 724 -29.06 2.69 14.24
FE FE B . 23.14 -17.53 -3.53
OAH 95B C . 22.63 -18.96 -2.06
CBA 95B C . 23.40 -18.70 -0.96
CAY 95B C . 24.27 -17.60 -0.98
OAF 95B C . 24.32 -16.83 -2.09
CAL 95B C . 25.04 -17.32 0.13
CAJ 95B C . 24.95 -18.13 1.26
CAN 95B C . 24.10 -19.24 1.27
CBC 95B C . 23.30 -19.55 0.16
CAW 95B C . 22.45 -20.66 0.23
OAC 95B C . 22.52 -21.46 1.16
N 95B C . 21.51 -20.76 -0.71
CA 95B C . 20.61 -21.92 -0.71
C 95B C . 21.41 -23.10 -1.26
OXT 95B C . 22.67 -22.96 -1.25
O 95B C . 20.78 -24.09 -1.69
CB 95B C . 19.36 -21.64 -1.58
CAP 95B C . 19.74 -21.41 -3.06
CAO 95B C . 18.48 -20.96 -3.81
CAQ 95B C . 18.80 -20.55 -5.24
NAS 95B C . 19.31 -19.18 -5.22
CAV 95B C . 18.50 -18.14 -4.98
OAB 95B C . 17.29 -18.27 -4.86
CBB 95B C . 19.15 -16.90 -4.89
CAM 95B C . 18.44 -15.72 -5.13
CAI 95B C . 19.08 -14.47 -5.04
CAK 95B C . 20.42 -14.37 -4.68
CAX 95B C . 21.15 -15.53 -4.44
OAE 95B C . 22.48 -15.54 -4.09
CAZ 95B C . 20.51 -16.78 -4.53
OAG 95B C . 21.26 -17.90 -4.28
C1 EDO D . 25.29 -18.03 -5.81
O1 EDO D . 24.44 -17.11 -5.09
C2 EDO D . 24.96 -19.47 -5.40
O2 EDO D . 24.27 -19.47 -4.15
#